data_2KDR
#
_entry.id   2KDR
#
_entity_poly.entity_id   1
_entity_poly.type   'polypeptide(L)'
_entity_poly.pdbx_seq_one_letter_code
;SDAAARVTAILSSLTVTQLLRRLHQWIS
;
_entity_poly.pdbx_strand_id   X
#
# COMPACT_ATOMS: atom_id res chain seq x y z
N SER A 1 -17.59 8.40 -11.01
CA SER A 1 -16.20 8.92 -10.85
C SER A 1 -15.23 7.76 -10.60
N ASP A 2 -14.45 7.42 -11.58
CA ASP A 2 -13.48 6.29 -11.42
C ASP A 2 -12.03 6.82 -11.34
N ALA A 3 -11.74 7.92 -12.01
CA ALA A 3 -10.36 8.48 -11.97
C ALA A 3 -9.96 8.82 -10.52
N ALA A 4 -10.80 9.55 -9.82
CA ALA A 4 -10.49 9.90 -8.41
C ALA A 4 -10.42 8.63 -7.55
N ALA A 5 -11.31 7.69 -7.78
CA ALA A 5 -11.30 6.42 -7.01
C ALA A 5 -10.02 5.64 -7.33
N ARG A 6 -9.60 5.64 -8.57
CA ARG A 6 -8.35 4.92 -8.94
C ARG A 6 -7.16 5.52 -8.19
N VAL A 7 -7.17 6.82 -8.01
CA VAL A 7 -6.07 7.48 -7.26
C VAL A 7 -6.09 6.97 -5.81
N THR A 8 -7.26 6.80 -5.24
CA THR A 8 -7.36 6.28 -3.85
C THR A 8 -6.90 4.81 -3.81
N ALA A 9 -7.21 4.06 -4.84
CA ALA A 9 -6.80 2.63 -4.89
C ALA A 9 -5.28 2.52 -4.94
N ILE A 10 -4.65 3.35 -5.74
CA ILE A 10 -3.15 3.33 -5.83
C ILE A 10 -2.56 3.54 -4.43
N LEU A 11 -3.13 4.45 -3.68
CA LEU A 11 -2.64 4.71 -2.29
C LEU A 11 -2.90 3.49 -1.40
N SER A 12 -4.03 2.87 -1.56
CA SER A 12 -4.37 1.66 -0.73
C SER A 12 -3.32 0.56 -0.95
N SER A 13 -2.94 0.33 -2.18
CA SER A 13 -1.91 -0.72 -2.47
C SER A 13 -0.58 -0.34 -1.82
N LEU A 14 -0.24 0.93 -1.85
CA LEU A 14 1.04 1.38 -1.22
C LEU A 14 1.03 1.05 0.27
N THR A 15 -0.09 1.27 0.93
CA THR A 15 -0.19 0.96 2.40
C THR A 15 0.11 -0.53 2.62
N VAL A 16 -0.40 -1.38 1.76
CA VAL A 16 -0.14 -2.86 1.90
C VAL A 16 1.37 -3.12 1.73
N THR A 17 1.99 -2.49 0.77
CA THR A 17 3.47 -2.71 0.56
C THR A 17 4.24 -2.30 1.81
N GLN A 18 3.84 -1.23 2.45
CA GLN A 18 4.56 -0.77 3.69
C GLN A 18 4.42 -1.82 4.79
N LEU A 19 3.23 -2.30 4.98
CA LEU A 19 3.01 -3.35 6.04
C LEU A 19 3.92 -4.55 5.78
N LEU A 20 4.09 -4.90 4.52
CA LEU A 20 4.99 -6.05 4.18
C LEU A 20 6.45 -5.69 4.53
N ARG A 21 6.85 -4.46 4.27
CA ARG A 21 8.26 -4.06 4.60
C ARG A 21 8.48 -4.16 6.11
N ARG A 22 7.52 -3.75 6.91
CA ARG A 22 7.67 -3.83 8.40
C ARG A 22 7.76 -5.30 8.83
N LEU A 23 6.96 -6.15 8.23
CA LEU A 23 6.99 -7.60 8.59
C LEU A 23 8.38 -8.18 8.26
N HIS A 24 8.90 -7.88 7.10
CA HIS A 24 10.26 -8.39 6.73
C HIS A 24 11.32 -7.80 7.66
N GLN A 25 11.19 -6.54 8.00
CA GLN A 25 12.18 -5.89 8.92
C GLN A 25 12.23 -6.64 10.25
N TRP A 26 11.09 -7.12 10.71
CA TRP A 26 11.06 -7.88 12.01
C TRP A 26 11.70 -9.27 11.82
N ILE A 27 11.47 -9.89 10.68
CA ILE A 27 12.06 -11.24 10.42
C ILE A 27 13.55 -11.14 10.11
N SER A 28 13.94 -10.18 9.30
CA SER A 28 15.39 -10.02 8.95
C SER A 28 15.83 -8.57 9.15
N SER A 1 -13.31 5.27 -14.74
CA SER A 1 -13.98 6.50 -14.25
C SER A 1 -13.48 6.89 -12.85
N ASP A 2 -13.93 7.99 -12.32
CA ASP A 2 -13.50 8.44 -10.95
C ASP A 2 -11.97 8.51 -10.86
N ALA A 3 -11.38 9.56 -11.36
CA ALA A 3 -9.89 9.70 -11.31
C ALA A 3 -9.41 9.83 -9.86
N ALA A 4 -10.07 10.65 -9.07
CA ALA A 4 -9.66 10.82 -7.64
C ALA A 4 -9.76 9.48 -6.90
N ALA A 5 -10.80 8.72 -7.14
CA ALA A 5 -10.93 7.40 -6.47
C ALA A 5 -9.81 6.47 -6.92
N ARG A 6 -9.42 6.54 -8.17
CA ARG A 6 -8.31 5.67 -8.66
C ARG A 6 -7.04 6.01 -7.90
N VAL A 7 -6.84 7.27 -7.60
CA VAL A 7 -5.64 7.68 -6.82
C VAL A 7 -5.69 7.04 -5.42
N THR A 8 -6.87 6.98 -4.84
CA THR A 8 -7.02 6.34 -3.50
C THR A 8 -6.74 4.83 -3.61
N ALA A 9 -7.16 4.23 -4.69
CA ALA A 9 -6.92 2.76 -4.87
C ALA A 9 -5.43 2.47 -4.98
N ILE A 10 -4.71 3.31 -5.68
CA ILE A 10 -3.23 3.11 -5.81
C ILE A 10 -2.60 3.12 -4.42
N LEU A 11 -3.05 4.01 -3.55
CA LEU A 11 -2.51 4.07 -2.17
C LEU A 11 -2.90 2.81 -1.40
N SER A 12 -4.09 2.31 -1.61
CA SER A 12 -4.55 1.06 -0.91
C SER A 12 -3.60 -0.10 -1.22
N SER A 13 -3.23 -0.27 -2.47
CA SER A 13 -2.30 -1.37 -2.84
C SER A 13 -0.93 -1.11 -2.19
N LEU A 14 -0.52 0.14 -2.14
CA LEU A 14 0.79 0.49 -1.51
C LEU A 14 0.78 0.09 -0.02
N THR A 15 -0.35 0.25 0.63
CA THR A 15 -0.44 -0.14 2.08
C THR A 15 -0.11 -1.62 2.24
N VAL A 16 -0.63 -2.46 1.37
CA VAL A 16 -0.34 -3.92 1.45
C VAL A 16 1.17 -4.14 1.29
N THR A 17 1.75 -3.52 0.28
CA THR A 17 3.23 -3.68 0.07
C THR A 17 4.00 -3.11 1.28
N GLN A 18 3.53 -2.02 1.83
CA GLN A 18 4.22 -1.42 3.02
C GLN A 18 4.15 -2.39 4.19
N LEU A 19 3.01 -2.98 4.42
CA LEU A 19 2.86 -3.95 5.54
C LEU A 19 3.92 -5.06 5.40
N LEU A 20 4.20 -5.47 4.19
CA LEU A 20 5.24 -6.51 3.97
C LEU A 20 6.62 -5.98 4.35
N ARG A 21 6.93 -4.76 3.97
CA ARG A 21 8.26 -4.18 4.33
C ARG A 21 8.33 -3.93 5.84
N ARG A 22 7.26 -3.47 6.44
CA ARG A 22 7.25 -3.22 7.91
C ARG A 22 7.51 -4.53 8.66
N LEU A 23 6.92 -5.61 8.21
CA LEU A 23 7.13 -6.92 8.88
C LEU A 23 8.58 -7.39 8.69
N HIS A 24 9.13 -7.19 7.51
CA HIS A 24 10.55 -7.61 7.25
C HIS A 24 11.51 -6.82 8.15
N GLN A 25 11.26 -5.54 8.34
CA GLN A 25 12.15 -4.71 9.22
C GLN A 25 12.12 -5.26 10.66
N TRP A 26 10.98 -5.71 11.11
CA TRP A 26 10.89 -6.28 12.49
C TRP A 26 11.63 -7.62 12.57
N ILE A 27 11.68 -8.35 11.48
CA ILE A 27 12.39 -9.67 11.49
C ILE A 27 13.89 -9.46 11.25
N SER A 28 14.24 -8.74 10.21
CA SER A 28 15.69 -8.49 9.90
C SER A 28 16.48 -9.82 9.80
N SER A 1 -13.16 10.87 -13.67
CA SER A 1 -13.67 9.98 -12.58
C SER A 1 -12.76 8.76 -12.41
N ASP A 2 -12.53 8.03 -13.47
CA ASP A 2 -11.65 6.82 -13.37
C ASP A 2 -10.26 7.19 -12.85
N ALA A 3 -9.69 8.27 -13.34
CA ALA A 3 -8.35 8.71 -12.86
C ALA A 3 -8.37 8.96 -11.35
N ALA A 4 -9.41 9.59 -10.86
CA ALA A 4 -9.50 9.85 -9.38
C ALA A 4 -9.63 8.53 -8.62
N ALA A 5 -10.39 7.60 -9.14
CA ALA A 5 -10.55 6.27 -8.45
C ALA A 5 -9.21 5.55 -8.37
N ARG A 6 -8.42 5.60 -9.42
CA ARG A 6 -7.08 4.91 -9.36
C ARG A 6 -6.22 5.56 -8.29
N VAL A 7 -6.38 6.84 -8.09
CA VAL A 7 -5.59 7.54 -7.03
C VAL A 7 -6.02 6.99 -5.66
N THR A 8 -7.29 6.73 -5.49
CA THR A 8 -7.78 6.17 -4.19
C THR A 8 -7.21 4.75 -4.01
N ALA A 9 -7.10 4.01 -5.09
CA ALA A 9 -6.53 2.62 -5.00
C ALA A 9 -5.05 2.68 -4.62
N ILE A 10 -4.35 3.65 -5.14
CA ILE A 10 -2.89 3.78 -4.79
C ILE A 10 -2.75 3.97 -3.28
N LEU A 11 -3.63 4.75 -2.69
CA LEU A 11 -3.58 4.97 -1.22
C LEU A 11 -3.87 3.66 -0.48
N SER A 12 -4.82 2.90 -0.98
CA SER A 12 -5.16 1.60 -0.33
C SER A 12 -4.01 0.61 -0.55
N SER A 13 -3.47 0.56 -1.74
CA SER A 13 -2.33 -0.38 -2.03
C SER A 13 -1.13 -0.03 -1.14
N LEU A 14 -0.92 1.23 -0.85
CA LEU A 14 0.23 1.64 0.02
C LEU A 14 0.13 0.97 1.39
N THR A 15 -1.06 0.79 1.90
CA THR A 15 -1.24 0.13 3.25
C THR A 15 -0.68 -1.29 3.19
N VAL A 16 -0.99 -2.03 2.15
CA VAL A 16 -0.48 -3.43 2.03
C VAL A 16 1.06 -3.40 1.90
N THR A 17 1.59 -2.49 1.13
CA THR A 17 3.08 -2.40 0.96
C THR A 17 3.74 -2.14 2.32
N GLN A 18 3.14 -1.28 3.13
CA GLN A 18 3.74 -0.99 4.47
C GLN A 18 3.76 -2.26 5.33
N LEU A 19 2.71 -3.02 5.28
CA LEU A 19 2.66 -4.30 6.07
C LEU A 19 3.81 -5.21 5.62
N LEU A 20 4.03 -5.29 4.33
CA LEU A 20 5.15 -6.13 3.81
C LEU A 20 6.49 -5.54 4.28
N ARG A 21 6.61 -4.23 4.27
CA ARG A 21 7.88 -3.59 4.73
C ARG A 21 8.17 -3.99 6.19
N ARG A 22 7.14 -4.08 7.00
CA ARG A 22 7.33 -4.48 8.43
C ARG A 22 7.93 -5.89 8.48
N LEU A 23 7.37 -6.80 7.70
CA LEU A 23 7.90 -8.20 7.69
C LEU A 23 9.37 -8.20 7.29
N HIS A 24 9.72 -7.46 6.26
CA HIS A 24 11.16 -7.39 5.82
C HIS A 24 11.99 -6.72 6.92
N GLN A 25 11.46 -5.68 7.53
CA GLN A 25 12.21 -4.98 8.62
C GLN A 25 12.51 -5.95 9.76
N TRP A 26 11.60 -6.87 10.01
CA TRP A 26 11.82 -7.88 11.10
C TRP A 26 12.94 -8.85 10.69
N ILE A 27 13.04 -9.14 9.41
CA ILE A 27 14.11 -10.07 8.92
C ILE A 27 15.46 -9.35 8.90
N SER A 28 15.48 -8.10 8.51
CA SER A 28 16.76 -7.33 8.46
C SER A 28 16.51 -5.85 8.81
N SER A 1 -16.72 5.01 -14.69
CA SER A 1 -15.60 5.99 -14.75
C SER A 1 -15.29 6.55 -13.36
N ASP A 2 -14.19 6.13 -12.77
CA ASP A 2 -13.83 6.62 -11.40
C ASP A 2 -12.35 7.01 -11.35
N ALA A 3 -12.00 8.15 -11.88
CA ALA A 3 -10.57 8.59 -11.86
C ALA A 3 -10.11 8.88 -10.43
N ALA A 4 -10.88 9.63 -9.68
CA ALA A 4 -10.50 9.94 -8.26
C ALA A 4 -10.43 8.65 -7.43
N ALA A 5 -11.35 7.75 -7.63
CA ALA A 5 -11.32 6.47 -6.85
C ALA A 5 -10.08 5.66 -7.21
N ARG A 6 -9.68 5.66 -8.46
CA ARG A 6 -8.45 4.89 -8.85
C ARG A 6 -7.24 5.51 -8.15
N VAL A 7 -7.24 6.80 -7.99
CA VAL A 7 -6.10 7.47 -7.27
C VAL A 7 -6.07 6.97 -5.82
N THR A 8 -7.24 6.79 -5.23
CA THR A 8 -7.29 6.27 -3.83
C THR A 8 -6.82 4.81 -3.80
N ALA A 9 -7.16 4.06 -4.82
CA ALA A 9 -6.74 2.63 -4.88
C ALA A 9 -5.21 2.53 -4.95
N ILE A 10 -4.58 3.43 -5.65
CA ILE A 10 -3.08 3.41 -5.74
C ILE A 10 -2.51 3.59 -4.32
N LEU A 11 -3.10 4.48 -3.56
CA LEU A 11 -2.63 4.72 -2.16
C LEU A 11 -2.87 3.47 -1.30
N SER A 12 -4.00 2.83 -1.49
CA SER A 12 -4.32 1.60 -0.70
C SER A 12 -3.26 0.51 -0.97
N SER A 13 -2.90 0.33 -2.22
CA SER A 13 -1.87 -0.71 -2.56
C SER A 13 -0.53 -0.34 -1.92
N LEU A 14 -0.19 0.94 -1.91
CA LEU A 14 1.10 1.38 -1.30
C LEU A 14 1.11 1.03 0.20
N THR A 15 -0.01 1.23 0.87
CA THR A 15 -0.07 0.91 2.34
C THR A 15 0.17 -0.60 2.56
N VAL A 16 -0.40 -1.42 1.71
CA VAL A 16 -0.21 -2.91 1.85
C VAL A 16 1.27 -3.25 1.64
N THR A 17 1.90 -2.69 0.64
CA THR A 17 3.34 -2.98 0.38
C THR A 17 4.20 -2.53 1.58
N GLN A 18 3.88 -1.39 2.15
CA GLN A 18 4.67 -0.91 3.33
C GLN A 18 4.52 -1.88 4.50
N LEU A 19 3.31 -2.26 4.79
CA LEU A 19 3.07 -3.24 5.91
C LEU A 19 3.94 -4.48 5.69
N LEU A 20 4.05 -4.93 4.46
CA LEU A 20 4.89 -6.12 4.16
C LEU A 20 6.37 -5.81 4.46
N ARG A 21 6.82 -4.62 4.11
CA ARG A 21 8.24 -4.24 4.38
C ARG A 21 8.49 -4.24 5.89
N ARG A 22 7.57 -3.71 6.67
CA ARG A 22 7.74 -3.68 8.15
C ARG A 22 7.83 -5.11 8.70
N LEU A 23 6.98 -5.99 8.23
CA LEU A 23 7.00 -7.42 8.70
C LEU A 23 8.37 -8.04 8.40
N HIS A 24 8.92 -7.78 7.24
CA HIS A 24 10.26 -8.34 6.89
C HIS A 24 11.33 -7.80 7.84
N GLN A 25 11.23 -6.54 8.19
CA GLN A 25 12.24 -5.94 9.13
C GLN A 25 12.13 -6.61 10.51
N TRP A 26 10.94 -6.98 10.92
CA TRP A 26 10.76 -7.65 12.24
C TRP A 26 11.38 -9.05 12.21
N ILE A 27 11.34 -9.71 11.08
CA ILE A 27 11.92 -11.08 10.97
C ILE A 27 13.45 -10.98 10.79
N SER A 28 13.90 -10.03 10.00
CA SER A 28 15.37 -9.88 9.76
C SER A 28 15.79 -8.42 10.01
N SER A 1 -15.53 8.72 -15.66
CA SER A 1 -14.09 8.41 -15.44
C SER A 1 -13.82 8.11 -13.96
N ASP A 2 -14.19 9.02 -13.09
CA ASP A 2 -13.98 8.80 -11.62
C ASP A 2 -12.49 8.54 -11.33
N ALA A 3 -11.62 9.43 -11.76
CA ALA A 3 -10.16 9.25 -11.53
C ALA A 3 -9.81 9.34 -10.03
N ALA A 4 -10.58 10.10 -9.28
CA ALA A 4 -10.30 10.24 -7.81
C ALA A 4 -10.28 8.86 -7.13
N ALA A 5 -11.23 8.01 -7.44
CA ALA A 5 -11.25 6.64 -6.82
C ALA A 5 -9.98 5.87 -7.21
N ARG A 6 -9.54 6.01 -8.45
CA ARG A 6 -8.30 5.30 -8.88
C ARG A 6 -7.12 5.77 -8.03
N VAL A 7 -7.10 7.03 -7.70
CA VAL A 7 -6.01 7.58 -6.84
C VAL A 7 -6.06 6.90 -5.47
N THR A 8 -7.26 6.67 -4.96
CA THR A 8 -7.39 5.99 -3.64
C THR A 8 -6.92 4.54 -3.75
N ALA A 9 -7.20 3.90 -4.85
CA ALA A 9 -6.78 2.48 -5.04
C ALA A 9 -5.25 2.39 -5.08
N ILE A 10 -4.62 3.30 -5.77
CA ILE A 10 -3.12 3.29 -5.83
C ILE A 10 -2.56 3.41 -4.41
N LEU A 11 -3.17 4.26 -3.60
CA LEU A 11 -2.70 4.42 -2.20
C LEU A 11 -2.96 3.14 -1.39
N SER A 12 -4.07 2.50 -1.63
CA SER A 12 -4.41 1.24 -0.90
C SER A 12 -3.34 0.17 -1.12
N SER A 13 -2.90 -0.01 -2.34
CA SER A 13 -1.85 -1.04 -2.63
C SER A 13 -0.51 -0.59 -2.02
N LEU A 14 -0.20 0.68 -2.06
CA LEU A 14 1.09 1.17 -1.48
C LEU A 14 1.18 0.80 0.01
N THR A 15 0.12 1.05 0.76
CA THR A 15 0.13 0.70 2.21
C THR A 15 0.29 -0.81 2.40
N VAL A 16 -0.37 -1.59 1.58
CA VAL A 16 -0.24 -3.09 1.69
C VAL A 16 1.24 -3.49 1.51
N THR A 17 1.91 -2.88 0.57
CA THR A 17 3.35 -3.20 0.34
C THR A 17 4.19 -2.68 1.52
N GLN A 18 3.89 -1.48 1.98
CA GLN A 18 4.66 -0.90 3.14
C GLN A 18 4.46 -1.75 4.38
N LEU A 19 3.25 -2.21 4.62
CA LEU A 19 2.99 -3.06 5.81
C LEU A 19 3.85 -4.33 5.72
N LEU A 20 3.98 -4.89 4.54
CA LEU A 20 4.82 -6.11 4.35
C LEU A 20 6.30 -5.77 4.58
N ARG A 21 6.75 -4.63 4.12
CA ARG A 21 8.18 -4.24 4.33
C ARG A 21 8.49 -4.12 5.82
N ARG A 22 7.63 -3.48 6.57
CA ARG A 22 7.86 -3.32 8.04
C ARG A 22 7.93 -4.71 8.70
N LEU A 23 6.99 -5.58 8.38
CA LEU A 23 6.99 -6.95 8.97
C LEU A 23 8.28 -7.70 8.57
N HIS A 24 8.73 -7.52 7.36
CA HIS A 24 9.98 -8.20 6.89
C HIS A 24 11.16 -7.81 7.80
N GLN A 25 11.25 -6.55 8.15
CA GLN A 25 12.37 -6.10 9.04
C GLN A 25 12.19 -6.67 10.45
N TRP A 26 10.97 -6.75 10.92
CA TRP A 26 10.71 -7.31 12.28
C TRP A 26 11.15 -8.78 12.34
N ILE A 27 11.05 -9.48 11.24
CA ILE A 27 11.48 -10.93 11.21
C ILE A 27 13.01 -11.01 11.08
N SER A 28 13.63 -10.07 10.43
CA SER A 28 15.11 -10.10 10.27
C SER A 28 15.80 -9.76 11.59
N SER A 1 -17.86 11.59 -6.33
CA SER A 1 -16.68 11.25 -7.17
C SER A 1 -16.39 9.75 -7.09
N ASP A 2 -16.35 9.07 -8.22
CA ASP A 2 -16.08 7.61 -8.22
C ASP A 2 -14.68 7.31 -8.74
N ALA A 3 -14.25 7.97 -9.79
CA ALA A 3 -12.89 7.73 -10.35
C ALA A 3 -11.81 8.14 -9.33
N ALA A 4 -12.02 9.23 -8.62
CA ALA A 4 -11.02 9.68 -7.61
C ALA A 4 -10.74 8.58 -6.58
N ALA A 5 -11.77 7.86 -6.17
CA ALA A 5 -11.57 6.75 -5.18
C ALA A 5 -10.62 5.71 -5.75
N ARG A 6 -10.69 5.43 -7.03
CA ARG A 6 -9.76 4.43 -7.64
C ARG A 6 -8.32 4.94 -7.50
N VAL A 7 -8.14 6.22 -7.65
CA VAL A 7 -6.76 6.81 -7.50
C VAL A 7 -6.28 6.56 -6.07
N THR A 8 -7.17 6.70 -5.11
CA THR A 8 -6.78 6.45 -3.68
C THR A 8 -6.45 4.97 -3.48
N ALA A 9 -7.16 4.10 -4.15
CA ALA A 9 -6.89 2.63 -4.02
C ALA A 9 -5.50 2.29 -4.58
N ILE A 10 -5.15 2.89 -5.68
CA ILE A 10 -3.80 2.63 -6.28
C ILE A 10 -2.73 3.03 -5.26
N LEU A 11 -2.94 4.13 -4.57
CA LEU A 11 -1.96 4.58 -3.53
C LEU A 11 -1.92 3.56 -2.39
N SER A 12 -3.07 3.05 -2.02
CA SER A 12 -3.12 2.02 -0.93
C SER A 12 -2.26 0.82 -1.29
N SER A 13 -2.18 0.48 -2.56
CA SER A 13 -1.33 -0.67 -2.98
C SER A 13 0.14 -0.38 -2.65
N LEU A 14 0.58 0.84 -2.85
CA LEU A 14 1.99 1.21 -2.54
C LEU A 14 2.23 1.14 -1.02
N THR A 15 1.32 1.67 -0.23
CA THR A 15 1.51 1.62 1.26
C THR A 15 1.44 0.17 1.75
N VAL A 16 0.54 -0.62 1.21
CA VAL A 16 0.44 -2.05 1.63
C VAL A 16 1.78 -2.75 1.38
N THR A 17 2.40 -2.49 0.26
CA THR A 17 3.73 -3.11 -0.05
C THR A 17 4.74 -2.73 1.04
N GLN A 18 4.81 -1.46 1.37
CA GLN A 18 5.76 -1.00 2.43
C GLN A 18 5.36 -1.60 3.77
N LEU A 19 4.08 -1.68 4.03
CA LEU A 19 3.60 -2.28 5.32
C LEU A 19 4.12 -3.72 5.42
N LEU A 20 4.11 -4.44 4.33
CA LEU A 20 4.63 -5.85 4.35
C LEU A 20 6.12 -5.85 4.67
N ARG A 21 6.86 -4.92 4.10
CA ARG A 21 8.33 -4.86 4.37
C ARG A 21 8.57 -4.66 5.88
N ARG A 22 7.80 -3.80 6.51
CA ARG A 22 7.97 -3.58 7.98
C ARG A 22 7.59 -4.84 8.75
N LEU A 23 6.55 -5.52 8.33
CA LEU A 23 6.13 -6.78 9.01
C LEU A 23 7.26 -7.80 8.96
N HIS A 24 7.95 -7.88 7.84
CA HIS A 24 9.09 -8.84 7.72
C HIS A 24 10.20 -8.45 8.70
N GLN A 25 10.45 -7.17 8.84
CA GLN A 25 11.51 -6.71 9.79
C GLN A 25 11.12 -7.10 11.23
N TRP A 26 9.85 -7.07 11.55
CA TRP A 26 9.40 -7.45 12.92
C TRP A 26 9.74 -8.93 13.19
N ILE A 27 9.81 -9.74 12.15
CA ILE A 27 10.13 -11.19 12.34
C ILE A 27 11.65 -11.37 12.47
N SER A 28 12.43 -10.57 11.78
CA SER A 28 13.91 -10.69 11.87
C SER A 28 14.46 -9.91 13.07
N SER A 1 -16.36 5.21 -9.83
CA SER A 1 -15.29 4.80 -10.79
C SER A 1 -14.80 6.02 -11.58
N ASP A 2 -13.77 6.66 -11.11
CA ASP A 2 -13.23 7.87 -11.82
C ASP A 2 -11.74 8.03 -11.52
N ALA A 3 -11.13 9.09 -12.02
CA ALA A 3 -9.68 9.32 -11.79
C ALA A 3 -9.36 9.43 -10.29
N ALA A 4 -10.15 10.18 -9.56
CA ALA A 4 -9.90 10.32 -8.09
C ALA A 4 -9.98 8.96 -7.39
N ALA A 5 -10.93 8.13 -7.78
CA ALA A 5 -11.05 6.78 -7.15
C ALA A 5 -9.78 5.96 -7.45
N ARG A 6 -9.25 6.08 -8.64
CA ARG A 6 -8.01 5.33 -8.99
C ARG A 6 -6.87 5.80 -8.08
N VAL A 7 -6.85 7.07 -7.76
CA VAL A 7 -5.80 7.61 -6.85
C VAL A 7 -5.96 6.96 -5.48
N THR A 8 -7.18 6.78 -5.04
CA THR A 8 -7.41 6.12 -3.71
C THR A 8 -6.98 4.66 -3.77
N ALA A 9 -7.20 4.02 -4.89
CA ALA A 9 -6.80 2.59 -5.04
C ALA A 9 -5.28 2.46 -4.97
N ILE A 10 -4.58 3.36 -5.59
CA ILE A 10 -3.08 3.33 -5.54
C ILE A 10 -2.63 3.42 -4.08
N LEU A 11 -3.28 4.25 -3.30
CA LEU A 11 -2.93 4.38 -1.85
C LEU A 11 -3.20 3.06 -1.12
N SER A 12 -4.28 2.41 -1.46
CA SER A 12 -4.61 1.10 -0.80
C SER A 12 -3.51 0.07 -1.08
N SER A 13 -3.03 0.02 -2.30
CA SER A 13 -1.94 -0.95 -2.64
C SER A 13 -0.65 -0.56 -1.92
N LEU A 14 -0.39 0.72 -1.77
CA LEU A 14 0.84 1.19 -1.07
C LEU A 14 0.81 0.78 0.42
N THR A 15 -0.33 0.90 1.06
CA THR A 15 -0.42 0.51 2.51
C THR A 15 -0.15 -1.00 2.66
N VAL A 16 -0.64 -1.81 1.74
CA VAL A 16 -0.38 -3.28 1.82
C VAL A 16 1.10 -3.56 1.58
N THR A 17 1.69 -2.90 0.61
CA THR A 17 3.15 -3.11 0.33
C THR A 17 3.99 -2.66 1.53
N GLN A 18 3.64 -1.55 2.12
CA GLN A 18 4.43 -1.05 3.30
C GLN A 18 4.31 -2.03 4.47
N LEU A 19 3.14 -2.55 4.69
CA LEU A 19 2.95 -3.54 5.80
C LEU A 19 3.89 -4.73 5.59
N LEU A 20 4.02 -5.18 4.36
CA LEU A 20 4.93 -6.32 4.07
C LEU A 20 6.38 -5.91 4.33
N ARG A 21 6.75 -4.70 3.97
CA ARG A 21 8.15 -4.23 4.22
C ARG A 21 8.39 -4.14 5.73
N ARG A 22 7.41 -3.70 6.48
CA ARG A 22 7.56 -3.60 7.96
C ARG A 22 7.81 -4.98 8.57
N LEU A 23 7.03 -5.96 8.17
CA LEU A 23 7.22 -7.34 8.73
C LEU A 23 8.63 -7.86 8.38
N HIS A 24 9.14 -7.50 7.22
CA HIS A 24 10.52 -7.95 6.84
C HIS A 24 11.55 -7.31 7.77
N GLN A 25 11.35 -6.06 8.11
CA GLN A 25 12.31 -5.36 9.02
C GLN A 25 12.23 -5.99 10.43
N TRP A 26 11.07 -6.43 10.83
CA TRP A 26 10.92 -7.06 12.18
C TRP A 26 11.79 -8.33 12.26
N ILE A 27 11.84 -9.09 11.19
CA ILE A 27 12.67 -10.32 11.18
C ILE A 27 14.13 -9.98 10.82
N SER A 28 14.33 -9.16 9.81
CA SER A 28 15.72 -8.78 9.38
C SER A 28 16.57 -10.03 9.07
N SER A 1 -12.31 3.33 -15.05
CA SER A 1 -13.05 4.62 -15.00
C SER A 1 -12.78 5.33 -13.67
N ASP A 2 -13.30 6.54 -13.51
CA ASP A 2 -13.09 7.31 -12.24
C ASP A 2 -11.59 7.46 -11.93
N ALA A 3 -10.96 8.44 -12.55
CA ALA A 3 -9.50 8.67 -12.30
C ALA A 3 -9.24 8.99 -10.82
N ALA A 4 -10.12 9.74 -10.21
CA ALA A 4 -9.93 10.08 -8.75
C ALA A 4 -9.98 8.80 -7.91
N ALA A 5 -10.89 7.90 -8.21
CA ALA A 5 -10.97 6.63 -7.44
C ALA A 5 -9.69 5.82 -7.64
N ARG A 6 -9.14 5.83 -8.84
CA ARG A 6 -7.88 5.08 -9.09
C ARG A 6 -6.77 5.65 -8.19
N VAL A 7 -6.78 6.94 -7.98
CA VAL A 7 -5.75 7.57 -7.10
C VAL A 7 -5.92 7.01 -5.68
N THR A 8 -7.15 6.83 -5.25
CA THR A 8 -7.40 6.26 -3.88
C THR A 8 -6.93 4.81 -3.84
N ALA A 9 -7.11 4.09 -4.93
CA ALA A 9 -6.68 2.66 -4.96
C ALA A 9 -5.15 2.58 -4.85
N ILE A 10 -4.46 3.47 -5.52
CA ILE A 10 -2.96 3.47 -5.44
C ILE A 10 -2.55 3.63 -3.97
N LEU A 11 -3.25 4.46 -3.23
CA LEU A 11 -2.93 4.65 -1.79
C LEU A 11 -3.13 3.34 -1.03
N SER A 12 -4.16 2.61 -1.36
CA SER A 12 -4.42 1.31 -0.69
C SER A 12 -3.26 0.34 -0.99
N SER A 13 -2.70 0.41 -2.17
CA SER A 13 -1.55 -0.49 -2.51
C SER A 13 -0.32 -0.10 -1.67
N LEU A 14 -0.17 1.17 -1.37
CA LEU A 14 0.99 1.63 -0.55
C LEU A 14 0.89 1.06 0.87
N THR A 15 -0.27 1.11 1.46
CA THR A 15 -0.43 0.55 2.84
C THR A 15 -0.26 -0.98 2.82
N VAL A 16 -0.79 -1.63 1.81
CA VAL A 16 -0.65 -3.12 1.71
C VAL A 16 0.84 -3.49 1.69
N THR A 17 1.62 -2.82 0.88
CA THR A 17 3.09 -3.10 0.83
C THR A 17 3.72 -2.73 2.17
N GLN A 18 3.28 -1.66 2.78
CA GLN A 18 3.85 -1.26 4.11
C GLN A 18 3.66 -2.39 5.12
N LEU A 19 2.52 -3.03 5.09
CA LEU A 19 2.26 -4.17 6.03
C LEU A 19 3.34 -5.24 5.78
N LEU A 20 3.57 -5.58 4.54
CA LEU A 20 4.63 -6.59 4.20
C LEU A 20 6.00 -5.99 4.54
N ARG A 21 6.18 -4.71 4.29
CA ARG A 21 7.48 -4.05 4.60
C ARG A 21 7.79 -4.20 6.09
N ARG A 22 6.79 -4.16 6.94
CA ARG A 22 7.03 -4.32 8.40
C ARG A 22 7.69 -5.69 8.67
N LEU A 23 7.22 -6.71 7.99
CA LEU A 23 7.83 -8.07 8.17
C LEU A 23 9.30 -8.03 7.73
N HIS A 24 9.60 -7.34 6.65
CA HIS A 24 11.01 -7.24 6.18
C HIS A 24 11.86 -6.48 7.21
N GLN A 25 11.32 -5.43 7.79
CA GLN A 25 12.09 -4.66 8.81
C GLN A 25 12.45 -5.57 10.00
N TRP A 26 11.55 -6.47 10.35
CA TRP A 26 11.83 -7.40 11.49
C TRP A 26 12.91 -8.42 11.08
N ILE A 27 12.85 -8.90 9.86
CA ILE A 27 13.87 -9.90 9.39
C ILE A 27 15.25 -9.23 9.21
N SER A 28 15.27 -8.05 8.61
CA SER A 28 16.57 -7.33 8.39
C SER A 28 17.52 -8.18 7.51
N SER A 1 -17.16 5.13 -13.67
CA SER A 1 -15.72 5.46 -13.95
C SER A 1 -14.94 5.56 -12.63
N ASP A 2 -15.32 6.48 -11.77
CA ASP A 2 -14.62 6.66 -10.45
C ASP A 2 -13.11 6.92 -10.68
N ALA A 3 -12.77 8.03 -11.29
CA ALA A 3 -11.33 8.35 -11.52
C ALA A 3 -10.65 8.69 -10.19
N ALA A 4 -11.27 9.52 -9.38
CA ALA A 4 -10.68 9.89 -8.06
C ALA A 4 -10.55 8.65 -7.17
N ALA A 5 -11.54 7.78 -7.19
CA ALA A 5 -11.47 6.54 -6.36
C ALA A 5 -10.29 5.68 -6.82
N ARG A 6 -10.03 5.63 -8.11
CA ARG A 6 -8.88 4.83 -8.61
C ARG A 6 -7.58 5.41 -8.05
N VAL A 7 -7.50 6.70 -7.94
CA VAL A 7 -6.28 7.35 -7.36
C VAL A 7 -6.13 6.89 -5.90
N THR A 8 -7.23 6.78 -5.19
CA THR A 8 -7.17 6.33 -3.77
C THR A 8 -6.77 4.85 -3.72
N ALA A 9 -7.23 4.08 -4.67
CA ALA A 9 -6.88 2.62 -4.70
C ALA A 9 -5.38 2.44 -4.92
N ILE A 10 -4.80 3.23 -5.78
CA ILE A 10 -3.33 3.14 -6.03
C ILE A 10 -2.59 3.40 -4.72
N LEU A 11 -3.05 4.37 -3.95
CA LEU A 11 -2.39 4.68 -2.65
C LEU A 11 -2.60 3.52 -1.68
N SER A 12 -3.77 2.92 -1.70
CA SER A 12 -4.05 1.76 -0.77
C SER A 12 -3.07 0.62 -1.05
N SER A 13 -2.77 0.35 -2.30
CA SER A 13 -1.81 -0.75 -2.63
C SER A 13 -0.42 -0.40 -2.09
N LEU A 14 0.00 0.84 -2.21
CA LEU A 14 1.33 1.26 -1.68
C LEU A 14 1.39 0.98 -0.18
N THR A 15 0.35 1.33 0.54
CA THR A 15 0.33 1.09 2.02
C THR A 15 0.51 -0.41 2.31
N VAL A 16 -0.11 -1.26 1.54
CA VAL A 16 0.02 -2.74 1.76
C VAL A 16 1.50 -3.16 1.58
N THR A 17 2.14 -2.67 0.55
CA THR A 17 3.58 -3.03 0.31
C THR A 17 4.44 -2.52 1.47
N GLN A 18 4.18 -1.34 1.97
CA GLN A 18 4.97 -0.80 3.11
C GLN A 18 4.78 -1.66 4.35
N LEU A 19 3.55 -2.03 4.62
CA LEU A 19 3.27 -2.90 5.81
C LEU A 19 4.09 -4.19 5.70
N LEU A 20 4.21 -4.73 4.51
CA LEU A 20 5.01 -5.98 4.31
C LEU A 20 6.49 -5.69 4.62
N ARG A 21 6.98 -4.54 4.22
CA ARG A 21 8.41 -4.18 4.50
C ARG A 21 8.65 -4.16 6.01
N ARG A 22 7.76 -3.55 6.76
CA ARG A 22 7.91 -3.51 8.24
C ARG A 22 7.77 -4.91 8.83
N LEU A 23 6.88 -5.70 8.27
CA LEU A 23 6.69 -7.10 8.78
C LEU A 23 7.95 -7.93 8.57
N HIS A 24 8.54 -7.87 7.40
CA HIS A 24 9.79 -8.65 7.13
C HIS A 24 10.91 -8.21 8.08
N GLN A 25 11.02 -6.92 8.33
CA GLN A 25 12.09 -6.42 9.26
C GLN A 25 11.91 -7.06 10.65
N TRP A 26 10.68 -7.20 11.09
CA TRP A 26 10.43 -7.82 12.43
C TRP A 26 10.82 -9.32 12.42
N ILE A 27 10.79 -9.95 11.26
CA ILE A 27 11.15 -11.40 11.18
C ILE A 27 12.67 -11.56 11.04
N SER A 28 13.28 -10.89 10.10
CA SER A 28 14.75 -11.02 9.91
C SER A 28 15.39 -9.65 9.64
N SER A 1 -18.89 6.49 -12.05
CA SER A 1 -17.81 7.51 -11.88
C SER A 1 -17.02 7.22 -10.60
N ASP A 2 -15.76 6.86 -10.73
CA ASP A 2 -14.93 6.55 -9.53
C ASP A 2 -13.45 6.89 -9.79
N ALA A 3 -13.18 8.08 -10.29
CA ALA A 3 -11.77 8.48 -10.58
C ALA A 3 -11.02 8.81 -9.28
N ALA A 4 -11.61 9.61 -8.43
CA ALA A 4 -10.93 9.99 -7.14
C ALA A 4 -10.64 8.74 -6.29
N ALA A 5 -11.61 7.89 -6.11
CA ALA A 5 -11.37 6.65 -5.29
C ALA A 5 -10.35 5.75 -5.98
N ARG A 6 -10.37 5.69 -7.29
CA ARG A 6 -9.36 4.84 -8.02
C ARG A 6 -7.95 5.34 -7.71
N VAL A 7 -7.79 6.62 -7.63
CA VAL A 7 -6.44 7.20 -7.29
C VAL A 7 -6.06 6.77 -5.87
N THR A 8 -7.03 6.78 -4.97
CA THR A 8 -6.75 6.36 -3.56
C THR A 8 -6.42 4.85 -3.53
N ALA A 9 -7.07 4.09 -4.37
CA ALA A 9 -6.80 2.62 -4.40
C ALA A 9 -5.36 2.35 -4.85
N ILE A 10 -4.88 3.11 -5.80
CA ILE A 10 -3.47 2.92 -6.26
C ILE A 10 -2.53 3.22 -5.09
N LEU A 11 -2.84 4.24 -4.33
CA LEU A 11 -1.99 4.58 -3.14
C LEU A 11 -2.11 3.48 -2.09
N SER A 12 -3.29 2.95 -1.91
CA SER A 12 -3.51 1.86 -0.91
C SER A 12 -2.64 0.64 -1.25
N SER A 13 -2.53 0.32 -2.52
CA SER A 13 -1.68 -0.84 -2.93
C SER A 13 -0.22 -0.61 -2.53
N LEU A 14 0.26 0.60 -2.72
CA LEU A 14 1.67 0.92 -2.33
C LEU A 14 1.85 0.77 -0.82
N THR A 15 0.89 1.25 -0.04
CA THR A 15 1.00 1.12 1.44
C THR A 15 1.05 -0.36 1.85
N VAL A 16 0.26 -1.20 1.21
CA VAL A 16 0.28 -2.66 1.54
C VAL A 16 1.68 -3.23 1.29
N THR A 17 2.29 -2.89 0.19
CA THR A 17 3.66 -3.41 -0.12
C THR A 17 4.63 -2.98 0.99
N GLN A 18 4.55 -1.74 1.41
CA GLN A 18 5.45 -1.27 2.51
C GLN A 18 5.13 -2.00 3.81
N LEU A 19 3.87 -2.16 4.10
CA LEU A 19 3.46 -2.88 5.35
C LEU A 19 4.11 -4.26 5.37
N LEU A 20 4.17 -4.91 4.23
CA LEU A 20 4.82 -6.27 4.17
C LEU A 20 6.31 -6.15 4.48
N ARG A 21 6.95 -5.12 3.96
CA ARG A 21 8.41 -4.94 4.23
C ARG A 21 8.62 -4.58 5.72
N ARG A 22 7.83 -3.65 6.22
CA ARG A 22 7.97 -3.25 7.66
C ARG A 22 7.64 -4.45 8.57
N LEU A 23 6.57 -5.15 8.28
CA LEU A 23 6.19 -6.33 9.12
C LEU A 23 7.31 -7.38 9.10
N HIS A 24 7.93 -7.58 7.96
CA HIS A 24 9.04 -8.58 7.87
C HIS A 24 10.22 -8.12 8.74
N GLN A 25 10.54 -6.86 8.72
CA GLN A 25 11.67 -6.34 9.56
C GLN A 25 11.35 -6.56 11.05
N TRP A 26 10.10 -6.44 11.42
CA TRP A 26 9.72 -6.66 12.85
C TRP A 26 9.85 -8.15 13.22
N ILE A 27 9.56 -9.02 12.30
CA ILE A 27 9.66 -10.50 12.59
C ILE A 27 11.13 -10.96 12.55
N SER A 28 11.96 -10.31 11.76
CA SER A 28 13.39 -10.72 11.68
C SER A 28 14.25 -9.55 11.20
N SER A 1 -15.01 13.53 -8.15
CA SER A 1 -13.78 13.49 -8.99
C SER A 1 -13.55 12.08 -9.56
N ASP A 2 -12.92 11.98 -10.71
CA ASP A 2 -12.67 10.64 -11.32
C ASP A 2 -11.25 10.17 -11.02
N ALA A 3 -10.26 10.95 -11.43
CA ALA A 3 -8.84 10.55 -11.18
C ALA A 3 -8.54 10.43 -9.68
N ALA A 4 -9.21 11.22 -8.86
CA ALA A 4 -8.97 11.15 -7.38
C ALA A 4 -9.24 9.74 -6.84
N ALA A 5 -10.27 9.09 -7.31
CA ALA A 5 -10.57 7.71 -6.83
C ALA A 5 -9.47 6.74 -7.25
N ARG A 6 -8.98 6.87 -8.46
CA ARG A 6 -7.87 5.97 -8.93
C ARG A 6 -6.64 6.18 -8.05
N VAL A 7 -6.41 7.40 -7.63
CA VAL A 7 -5.26 7.69 -6.74
C VAL A 7 -5.46 6.95 -5.42
N THR A 8 -6.68 6.91 -4.93
CA THR A 8 -6.96 6.18 -3.64
C THR A 8 -6.75 4.68 -3.85
N ALA A 9 -7.10 4.17 -4.99
CA ALA A 9 -6.92 2.71 -5.27
C ALA A 9 -5.44 2.36 -5.24
N ILE A 10 -4.61 3.21 -5.80
CA ILE A 10 -3.14 2.96 -5.78
C ILE A 10 -2.66 2.92 -4.33
N LEU A 11 -3.19 3.80 -3.51
CA LEU A 11 -2.82 3.84 -2.06
C LEU A 11 -3.27 2.54 -1.37
N SER A 12 -4.44 2.06 -1.72
CA SER A 12 -4.95 0.79 -1.11
C SER A 12 -3.96 -0.36 -1.36
N SER A 13 -3.48 -0.48 -2.57
CA SER A 13 -2.48 -1.55 -2.88
C SER A 13 -1.20 -1.30 -2.07
N LEU A 14 -0.85 -0.05 -1.88
CA LEU A 14 0.37 0.29 -1.09
C LEU A 14 0.20 -0.19 0.35
N THR A 15 -1.00 -0.11 0.89
CA THR A 15 -1.23 -0.57 2.30
C THR A 15 -0.78 -2.04 2.46
N VAL A 16 -1.16 -2.89 1.53
CA VAL A 16 -0.75 -4.32 1.61
C VAL A 16 0.77 -4.42 1.50
N THR A 17 1.36 -3.71 0.57
CA THR A 17 2.85 -3.74 0.42
C THR A 17 3.51 -3.11 1.67
N GLN A 18 2.93 -2.07 2.19
CA GLN A 18 3.49 -1.41 3.41
C GLN A 18 3.58 -2.42 4.55
N LEU A 19 2.58 -3.25 4.70
CA LEU A 19 2.61 -4.30 5.77
C LEU A 19 3.86 -5.16 5.60
N LEU A 20 4.18 -5.50 4.36
CA LEU A 20 5.39 -6.32 4.10
C LEU A 20 6.65 -5.53 4.48
N ARG A 21 6.68 -4.24 4.20
CA ARG A 21 7.87 -3.41 4.56
C ARG A 21 8.09 -3.47 6.08
N ARG A 22 7.02 -3.44 6.85
CA ARG A 22 7.14 -3.52 8.34
C ARG A 22 7.80 -4.85 8.72
N LEU A 23 7.29 -5.93 8.19
CA LEU A 23 7.88 -7.27 8.49
C LEU A 23 9.36 -7.30 8.11
N HIS A 24 9.71 -6.72 6.99
CA HIS A 24 11.15 -6.69 6.57
C HIS A 24 11.99 -5.99 7.64
N GLN A 25 11.50 -4.91 8.19
CA GLN A 25 12.26 -4.17 9.24
C GLN A 25 12.40 -5.05 10.50
N TRP A 26 11.37 -5.80 10.83
CA TRP A 26 11.46 -6.68 12.04
C TRP A 26 12.56 -7.74 11.84
N ILE A 27 12.82 -8.14 10.62
CA ILE A 27 13.87 -9.16 10.36
C ILE A 27 15.26 -8.50 10.38
N SER A 28 15.36 -7.28 9.91
CA SER A 28 16.69 -6.59 9.90
C SER A 28 17.04 -6.06 11.31
N SER A 1 -14.60 10.72 -11.03
CA SER A 1 -13.36 11.09 -11.77
C SER A 1 -12.42 9.87 -11.88
N ASP A 2 -12.06 9.49 -13.08
CA ASP A 2 -11.16 8.31 -13.27
C ASP A 2 -9.80 8.55 -12.58
N ALA A 3 -9.21 9.70 -12.80
CA ALA A 3 -7.88 10.00 -12.16
C ALA A 3 -8.01 9.91 -10.62
N ALA A 4 -9.06 10.46 -10.07
CA ALA A 4 -9.24 10.41 -8.58
C ALA A 4 -9.38 8.95 -8.12
N ALA A 5 -10.09 8.14 -8.86
CA ALA A 5 -10.25 6.70 -8.47
C ALA A 5 -8.89 6.01 -8.45
N ARG A 6 -8.05 6.29 -9.43
CA ARG A 6 -6.69 5.66 -9.45
C ARG A 6 -5.92 6.08 -8.21
N VAL A 7 -6.10 7.30 -7.78
CA VAL A 7 -5.40 7.78 -6.55
C VAL A 7 -5.89 6.95 -5.35
N THR A 8 -7.17 6.65 -5.30
CA THR A 8 -7.71 5.82 -4.19
C THR A 8 -7.12 4.41 -4.25
N ALA A 9 -6.92 3.90 -5.44
CA ALA A 9 -6.35 2.53 -5.59
C ALA A 9 -4.89 2.51 -5.09
N ILE A 10 -4.15 3.55 -5.39
CA ILE A 10 -2.74 3.63 -4.93
C ILE A 10 -2.71 3.57 -3.39
N LEU A 11 -3.65 4.24 -2.76
CA LEU A 11 -3.72 4.22 -1.26
C LEU A 11 -4.02 2.80 -0.77
N SER A 12 -4.89 2.10 -1.46
CA SER A 12 -5.23 0.70 -1.04
C SER A 12 -3.97 -0.16 -1.04
N SER A 13 -3.15 -0.05 -2.06
CA SER A 13 -1.89 -0.85 -2.14
C SER A 13 -0.89 -0.35 -1.09
N LEU A 14 -0.85 0.94 -0.84
CA LEU A 14 0.11 1.48 0.18
C LEU A 14 -0.14 0.85 1.54
N THR A 15 -1.39 0.68 1.92
CA THR A 15 -1.70 0.07 3.25
C THR A 15 -1.30 -1.41 3.26
N VAL A 16 -1.60 -2.12 2.20
CA VAL A 16 -1.22 -3.57 2.13
C VAL A 16 0.30 -3.72 2.03
N THR A 17 0.93 -2.93 1.20
CA THR A 17 2.42 -3.01 1.05
C THR A 17 3.11 -2.66 2.37
N GLN A 18 2.57 -1.71 3.12
CA GLN A 18 3.20 -1.32 4.42
C GLN A 18 3.34 -2.55 5.32
N LEU A 19 2.36 -3.41 5.33
CA LEU A 19 2.46 -4.65 6.17
C LEU A 19 3.70 -5.44 5.74
N LEU A 20 3.95 -5.55 4.46
CA LEU A 20 5.16 -6.28 3.98
C LEU A 20 6.42 -5.50 4.39
N ARG A 21 6.37 -4.18 4.32
CA ARG A 21 7.55 -3.35 4.72
C ARG A 21 7.94 -3.65 6.17
N ARG A 22 6.95 -3.81 7.04
CA ARG A 22 7.26 -4.11 8.47
C ARG A 22 8.02 -5.43 8.57
N LEU A 23 7.57 -6.45 7.85
CA LEU A 23 8.28 -7.76 7.88
C LEU A 23 9.69 -7.61 7.31
N HIS A 24 9.85 -6.80 6.29
CA HIS A 24 11.21 -6.59 5.69
C HIS A 24 12.18 -6.06 6.75
N GLN A 25 11.72 -5.13 7.56
CA GLN A 25 12.60 -4.56 8.64
C GLN A 25 12.97 -5.67 9.64
N TRP A 26 12.06 -6.57 9.91
CA TRP A 26 12.36 -7.68 10.86
C TRP A 26 13.46 -8.60 10.28
N ILE A 27 13.51 -8.74 8.98
CA ILE A 27 14.55 -9.61 8.35
C ILE A 27 15.89 -8.84 8.29
N SER A 28 15.88 -7.63 7.82
CA SER A 28 17.14 -6.83 7.73
C SER A 28 16.98 -5.50 8.48
N SER A 1 -16.05 4.91 -10.23
CA SER A 1 -15.00 4.52 -11.23
C SER A 1 -14.55 5.75 -12.02
N ASP A 2 -13.47 6.36 -11.60
CA ASP A 2 -12.96 7.58 -12.31
C ASP A 2 -11.49 7.82 -11.96
N ALA A 3 -10.92 8.89 -12.46
CA ALA A 3 -9.49 9.21 -12.16
C ALA A 3 -9.25 9.32 -10.66
N ALA A 4 -10.10 10.04 -9.95
CA ALA A 4 -9.92 10.19 -8.47
C ALA A 4 -9.96 8.82 -7.80
N ALA A 5 -10.85 7.95 -8.22
CA ALA A 5 -10.93 6.59 -7.61
C ALA A 5 -9.61 5.84 -7.83
N ARG A 6 -9.00 6.01 -8.99
CA ARG A 6 -7.70 5.33 -9.26
C ARG A 6 -6.65 5.84 -8.28
N VAL A 7 -6.73 7.10 -7.95
CA VAL A 7 -5.76 7.69 -6.96
C VAL A 7 -5.98 7.01 -5.60
N THR A 8 -7.22 6.78 -5.24
CA THR A 8 -7.52 6.10 -3.94
C THR A 8 -7.02 4.65 -3.99
N ALA A 9 -7.13 4.02 -5.13
CA ALA A 9 -6.67 2.60 -5.27
C ALA A 9 -5.16 2.53 -5.06
N ILE A 10 -4.43 3.47 -5.61
CA ILE A 10 -2.94 3.48 -5.43
C ILE A 10 -2.62 3.54 -3.93
N LEU A 11 -3.36 4.33 -3.20
CA LEU A 11 -3.13 4.43 -1.72
C LEU A 11 -3.45 3.10 -1.04
N SER A 12 -4.47 2.43 -1.49
CA SER A 12 -4.84 1.11 -0.88
C SER A 12 -3.69 0.11 -1.02
N SER A 13 -3.09 0.03 -2.19
CA SER A 13 -1.95 -0.92 -2.39
C SER A 13 -0.71 -0.44 -1.61
N LEU A 14 -0.52 0.86 -1.52
CA LEU A 14 0.66 1.40 -0.77
C LEU A 14 0.61 0.95 0.69
N THR A 15 -0.54 1.05 1.31
CA THR A 15 -0.67 0.62 2.74
C THR A 15 -0.35 -0.88 2.86
N VAL A 16 -0.79 -1.68 1.91
CA VAL A 16 -0.50 -3.14 1.94
C VAL A 16 1.02 -3.37 1.86
N THR A 17 1.70 -2.64 1.00
CA THR A 17 3.18 -2.81 0.87
C THR A 17 3.87 -2.43 2.20
N GLN A 18 3.39 -1.39 2.86
CA GLN A 18 4.00 -0.98 4.16
C GLN A 18 3.91 -2.12 5.17
N LEU A 19 2.80 -2.81 5.19
CA LEU A 19 2.65 -3.96 6.13
C LEU A 19 3.74 -5.00 5.83
N LEU A 20 3.93 -5.31 4.57
CA LEU A 20 5.00 -6.28 4.18
C LEU A 20 6.37 -5.68 4.49
N ARG A 21 6.53 -4.40 4.28
CA ARG A 21 7.84 -3.72 4.56
C ARG A 21 8.22 -3.93 6.04
N ARG A 22 7.29 -3.70 6.94
CA ARG A 22 7.59 -3.89 8.40
C ARG A 22 7.92 -5.35 8.68
N LEU A 23 7.19 -6.26 8.08
CA LEU A 23 7.47 -7.72 8.30
C LEU A 23 8.92 -8.04 7.89
N HIS A 24 9.34 -7.54 6.77
CA HIS A 24 10.75 -7.79 6.31
C HIS A 24 11.74 -7.12 7.27
N GLN A 25 11.43 -5.94 7.74
CA GLN A 25 12.35 -5.23 8.69
C GLN A 25 12.56 -6.09 9.94
N TRP A 26 11.53 -6.77 10.39
CA TRP A 26 11.65 -7.63 11.60
C TRP A 26 12.51 -8.88 11.28
N ILE A 27 12.46 -9.34 10.05
CA ILE A 27 13.27 -10.54 9.66
C ILE A 27 14.72 -10.15 9.40
N SER A 28 14.94 -9.03 8.74
CA SER A 28 16.34 -8.60 8.44
C SER A 28 16.98 -7.95 9.68
N SER A 1 -14.28 9.96 -11.70
CA SER A 1 -15.12 8.74 -11.90
C SER A 1 -14.25 7.48 -11.93
N ASP A 2 -13.37 7.37 -12.89
CA ASP A 2 -12.49 6.16 -12.97
C ASP A 2 -11.06 6.53 -12.58
N ALA A 3 -10.50 7.55 -13.20
CA ALA A 3 -9.10 7.97 -12.85
C ALA A 3 -9.00 8.34 -11.37
N ALA A 4 -9.94 9.11 -10.88
CA ALA A 4 -9.91 9.51 -9.43
C ALA A 4 -9.99 8.27 -8.53
N ALA A 5 -10.80 7.31 -8.90
CA ALA A 5 -10.91 6.06 -8.08
C ALA A 5 -9.57 5.32 -8.06
N ARG A 6 -8.89 5.26 -9.18
CA ARG A 6 -7.56 4.58 -9.21
C ARG A 6 -6.59 5.29 -8.28
N VAL A 7 -6.69 6.59 -8.20
CA VAL A 7 -5.80 7.37 -7.28
C VAL A 7 -6.10 6.94 -5.84
N THR A 8 -7.35 6.73 -5.52
CA THR A 8 -7.72 6.28 -4.14
C THR A 8 -7.17 4.87 -3.89
N ALA A 9 -7.20 4.04 -4.90
CA ALA A 9 -6.68 2.65 -4.76
C ALA A 9 -5.16 2.67 -4.54
N ILE A 10 -4.47 3.56 -5.22
CA ILE A 10 -2.99 3.65 -5.04
C ILE A 10 -2.68 3.97 -3.57
N LEU A 11 -3.46 4.83 -2.96
CA LEU A 11 -3.25 5.17 -1.52
C LEU A 11 -3.50 3.94 -0.65
N SER A 12 -4.52 3.18 -0.98
CA SER A 12 -4.83 1.94 -0.20
C SER A 12 -3.73 0.90 -0.43
N SER A 13 -3.28 0.76 -1.66
CA SER A 13 -2.19 -0.22 -1.97
C SER A 13 -0.92 0.15 -1.20
N LEU A 14 -0.66 1.43 -1.01
CA LEU A 14 0.56 1.86 -0.26
C LEU A 14 0.53 1.26 1.14
N THR A 15 -0.63 1.22 1.77
CA THR A 15 -0.73 0.62 3.14
C THR A 15 -0.30 -0.85 3.09
N VAL A 16 -0.74 -1.56 2.09
CA VAL A 16 -0.35 -3.00 1.95
C VAL A 16 1.17 -3.12 1.80
N THR A 17 1.77 -2.28 0.99
CA THR A 17 3.26 -2.33 0.80
C THR A 17 3.96 -2.07 2.14
N GLN A 18 3.47 -1.14 2.92
CA GLN A 18 4.13 -0.84 4.23
C GLN A 18 4.06 -2.07 5.14
N LEU A 19 2.96 -2.78 5.13
CA LEU A 19 2.84 -4.00 5.97
C LEU A 19 3.92 -5.00 5.53
N LEU A 20 4.15 -5.12 4.25
CA LEU A 20 5.20 -6.05 3.75
C LEU A 20 6.59 -5.56 4.20
N ARG A 21 6.82 -4.26 4.17
CA ARG A 21 8.14 -3.71 4.60
C ARG A 21 8.37 -4.06 6.08
N ARG A 22 7.37 -3.90 6.91
CA ARG A 22 7.50 -4.22 8.36
C ARG A 22 7.83 -5.72 8.54
N LEU A 23 7.18 -6.58 7.77
CA LEU A 23 7.45 -8.03 7.87
C LEU A 23 8.92 -8.32 7.52
N HIS A 24 9.41 -7.70 6.47
CA HIS A 24 10.84 -7.92 6.07
C HIS A 24 11.78 -7.35 7.16
N GLN A 25 11.42 -6.24 7.73
CA GLN A 25 12.26 -5.63 8.81
C GLN A 25 12.34 -6.58 10.01
N TRP A 26 11.27 -7.27 10.31
CA TRP A 26 11.29 -8.24 11.45
C TRP A 26 12.18 -9.44 11.11
N ILE A 27 12.28 -9.80 9.85
CA ILE A 27 13.13 -10.96 9.45
C ILE A 27 14.59 -10.51 9.28
N SER A 28 14.82 -9.32 8.77
CA SER A 28 16.21 -8.83 8.59
C SER A 28 16.67 -8.03 9.81
N SER A 1 -16.95 9.64 -13.47
CA SER A 1 -15.50 9.33 -13.62
C SER A 1 -14.88 8.96 -12.25
N ASP A 2 -14.97 9.85 -11.30
CA ASP A 2 -14.41 9.58 -9.93
C ASP A 2 -12.91 9.25 -10.01
N ALA A 3 -12.12 10.13 -10.60
CA ALA A 3 -10.65 9.87 -10.70
C ALA A 3 -10.01 9.87 -9.31
N ALA A 4 -10.56 10.62 -8.37
CA ALA A 4 -9.99 10.65 -6.99
C ALA A 4 -10.03 9.25 -6.36
N ALA A 5 -11.10 8.52 -6.59
CA ALA A 5 -11.21 7.15 -6.01
C ALA A 5 -10.09 6.25 -6.58
N ARG A 6 -9.81 6.36 -7.86
CA ARG A 6 -8.72 5.52 -8.45
C ARG A 6 -7.39 5.89 -7.80
N VAL A 7 -7.22 7.15 -7.47
CA VAL A 7 -5.96 7.59 -6.79
C VAL A 7 -5.88 6.91 -5.42
N THR A 8 -7.00 6.80 -4.73
CA THR A 8 -6.99 6.13 -3.39
C THR A 8 -6.69 4.64 -3.57
N ALA A 9 -7.17 4.05 -4.62
CA ALA A 9 -6.92 2.59 -4.87
C ALA A 9 -5.42 2.36 -5.07
N ILE A 10 -4.79 3.22 -5.83
CA ILE A 10 -3.31 3.08 -6.06
C ILE A 10 -2.60 3.12 -4.71
N LEU A 11 -3.03 3.99 -3.83
CA LEU A 11 -2.42 4.10 -2.48
C LEU A 11 -2.68 2.83 -1.67
N SER A 12 -3.86 2.26 -1.81
CA SER A 12 -4.20 1.01 -1.06
C SER A 12 -3.20 -0.09 -1.39
N SER A 13 -2.83 -0.22 -2.65
CA SER A 13 -1.85 -1.28 -3.04
C SER A 13 -0.45 -0.91 -2.50
N LEU A 14 -0.14 0.37 -2.46
CA LEU A 14 1.19 0.81 -1.94
C LEU A 14 1.32 0.48 -0.46
N THR A 15 0.30 0.74 0.33
CA THR A 15 0.39 0.45 1.80
C THR A 15 0.49 -1.06 2.04
N VAL A 16 -0.24 -1.86 1.29
CA VAL A 16 -0.16 -3.34 1.48
C VAL A 16 1.30 -3.82 1.26
N THR A 17 1.93 -3.33 0.22
CA THR A 17 3.35 -3.74 -0.06
C THR A 17 4.26 -3.23 1.07
N GLN A 18 4.09 -2.00 1.48
CA GLN A 18 4.95 -1.45 2.58
C GLN A 18 4.70 -2.21 3.88
N LEU A 19 3.46 -2.56 4.13
CA LEU A 19 3.13 -3.32 5.38
C LEU A 19 3.93 -4.63 5.39
N LEU A 20 4.05 -5.27 4.25
CA LEU A 20 4.83 -6.54 4.19
C LEU A 20 6.31 -6.25 4.45
N ARG A 21 6.83 -5.17 3.91
CA ARG A 21 8.25 -4.82 4.15
C ARG A 21 8.45 -4.41 5.61
N ARG A 22 7.52 -3.65 6.15
CA ARG A 22 7.62 -3.22 7.58
C ARG A 22 7.63 -4.44 8.50
N LEU A 23 6.70 -5.36 8.29
CA LEU A 23 6.65 -6.58 9.14
C LEU A 23 7.98 -7.35 9.07
N HIS A 24 8.58 -7.41 7.90
CA HIS A 24 9.88 -8.12 7.76
C HIS A 24 10.97 -7.41 8.58
N GLN A 25 11.01 -6.10 8.53
CA GLN A 25 12.03 -5.34 9.31
C GLN A 25 11.83 -5.57 10.81
N TRP A 26 10.60 -5.60 11.26
CA TRP A 26 10.33 -5.83 12.72
C TRP A 26 10.74 -7.26 13.12
N ILE A 27 10.71 -8.19 12.19
CA ILE A 27 11.11 -9.60 12.51
C ILE A 27 12.63 -9.67 12.70
N SER A 28 13.38 -8.99 11.88
CA SER A 28 14.87 -9.02 12.00
C SER A 28 15.34 -8.05 13.09
N SER A 1 -12.95 3.45 -11.22
CA SER A 1 -13.93 3.95 -12.24
C SER A 1 -13.53 5.35 -12.73
N ASP A 2 -13.19 6.23 -11.83
CA ASP A 2 -12.80 7.62 -12.23
C ASP A 2 -11.35 7.90 -11.84
N ALA A 3 -10.84 9.06 -12.18
CA ALA A 3 -9.43 9.42 -11.84
C ALA A 3 -9.27 9.47 -10.31
N ALA A 4 -10.19 10.11 -9.62
CA ALA A 4 -10.10 10.19 -8.13
C ALA A 4 -10.15 8.79 -7.52
N ALA A 5 -10.98 7.92 -8.05
CA ALA A 5 -11.07 6.52 -7.51
C ALA A 5 -9.74 5.80 -7.73
N ARG A 6 -9.11 6.01 -8.86
CA ARG A 6 -7.80 5.34 -9.12
C ARG A 6 -6.77 5.82 -8.09
N VAL A 7 -6.84 7.07 -7.72
CA VAL A 7 -5.90 7.62 -6.70
C VAL A 7 -6.15 6.89 -5.37
N THR A 8 -7.39 6.62 -5.04
CA THR A 8 -7.70 5.90 -3.78
C THR A 8 -7.20 4.46 -3.86
N ALA A 9 -7.29 3.86 -5.01
CA ALA A 9 -6.80 2.45 -5.18
C ALA A 9 -5.28 2.40 -5.02
N ILE A 10 -4.58 3.35 -5.57
CA ILE A 10 -3.09 3.38 -5.45
C ILE A 10 -2.73 3.49 -3.96
N LEU A 11 -3.48 4.27 -3.21
CA LEU A 11 -3.21 4.40 -1.75
C LEU A 11 -3.41 3.05 -1.06
N SER A 12 -4.40 2.31 -1.48
CA SER A 12 -4.68 0.97 -0.87
C SER A 12 -3.50 0.01 -1.10
N SER A 13 -2.97 -0.02 -2.30
CA SER A 13 -1.82 -0.94 -2.58
C SER A 13 -0.54 -0.40 -1.92
N LEU A 14 -0.39 0.90 -1.84
CA LEU A 14 0.84 1.49 -1.22
C LEU A 14 0.93 1.11 0.27
N THR A 15 -0.16 1.24 1.00
CA THR A 15 -0.13 0.88 2.46
C THR A 15 0.07 -0.63 2.65
N VAL A 16 -0.50 -1.45 1.78
CA VAL A 16 -0.34 -2.93 1.91
C VAL A 16 1.14 -3.31 1.72
N THR A 17 1.79 -2.77 0.71
CA THR A 17 3.24 -3.10 0.48
C THR A 17 4.09 -2.60 1.67
N GLN A 18 3.79 -1.43 2.17
CA GLN A 18 4.58 -0.88 3.32
C GLN A 18 4.42 -1.79 4.54
N LEU A 19 3.21 -2.22 4.80
CA LEU A 19 2.97 -3.13 5.96
C LEU A 19 3.86 -4.37 5.84
N LEU A 20 3.97 -4.91 4.64
CA LEU A 20 4.84 -6.10 4.43
C LEU A 20 6.31 -5.73 4.66
N ARG A 21 6.72 -4.56 4.22
CA ARG A 21 8.14 -4.12 4.42
C ARG A 21 8.45 -4.08 5.92
N ARG A 22 7.55 -3.56 6.72
CA ARG A 22 7.77 -3.51 8.20
C ARG A 22 7.93 -4.93 8.74
N LEU A 23 7.05 -5.81 8.36
CA LEU A 23 7.13 -7.22 8.82
C LEU A 23 8.46 -7.85 8.38
N HIS A 24 8.89 -7.56 7.17
CA HIS A 24 10.20 -8.13 6.68
C HIS A 24 11.34 -7.66 7.57
N GLN A 25 11.35 -6.39 7.93
CA GLN A 25 12.44 -5.86 8.81
C GLN A 25 12.42 -6.62 10.15
N TRP A 26 11.25 -6.99 10.62
CA TRP A 26 11.15 -7.73 11.90
C TRP A 26 11.76 -9.14 11.74
N ILE A 27 11.75 -9.68 10.54
CA ILE A 27 12.33 -11.03 10.30
C ILE A 27 13.85 -10.93 10.09
N SER A 28 14.30 -9.96 9.33
CA SER A 28 15.77 -9.81 9.09
C SER A 28 16.14 -8.33 8.89
N SER A 1 -14.89 11.81 -8.32
CA SER A 1 -14.36 11.73 -9.71
C SER A 1 -13.76 10.34 -9.97
N ASP A 2 -13.87 9.85 -11.18
CA ASP A 2 -13.30 8.51 -11.51
C ASP A 2 -11.78 8.52 -11.31
N ALA A 3 -11.09 9.42 -11.96
CA ALA A 3 -9.60 9.49 -11.81
C ALA A 3 -9.22 9.63 -10.32
N ALA A 4 -9.98 10.39 -9.56
CA ALA A 4 -9.68 10.55 -8.11
C ALA A 4 -9.81 9.20 -7.40
N ALA A 5 -10.80 8.41 -7.77
CA ALA A 5 -10.98 7.07 -7.13
C ALA A 5 -9.77 6.18 -7.47
N ARG A 6 -9.22 6.33 -8.65
CA ARG A 6 -8.03 5.51 -9.02
C ARG A 6 -6.85 5.89 -8.13
N VAL A 7 -6.75 7.16 -7.80
CA VAL A 7 -5.66 7.62 -6.89
C VAL A 7 -5.85 6.96 -5.53
N THR A 8 -7.08 6.84 -5.09
CA THR A 8 -7.35 6.18 -3.77
C THR A 8 -7.01 4.69 -3.85
N ALA A 9 -7.30 4.08 -4.95
CA ALA A 9 -7.00 2.62 -5.12
C ALA A 9 -5.50 2.38 -5.05
N ILE A 10 -4.73 3.23 -5.68
CA ILE A 10 -3.24 3.07 -5.62
C ILE A 10 -2.79 3.16 -4.17
N LEU A 11 -3.38 4.05 -3.40
CA LEU A 11 -3.03 4.19 -1.96
C LEU A 11 -3.38 2.90 -1.21
N SER A 12 -4.49 2.30 -1.54
CA SER A 12 -4.90 1.03 -0.86
C SER A 12 -3.84 -0.05 -1.06
N SER A 13 -3.32 -0.19 -2.25
CA SER A 13 -2.26 -1.21 -2.50
C SER A 13 -0.93 -0.75 -1.88
N LEU A 14 -0.66 0.53 -1.88
CA LEU A 14 0.61 1.04 -1.29
C LEU A 14 0.71 0.67 0.20
N THR A 15 -0.37 0.83 0.94
CA THR A 15 -0.33 0.46 2.39
C THR A 15 -0.05 -1.03 2.55
N VAL A 16 -0.61 -1.86 1.70
CA VAL A 16 -0.36 -3.32 1.80
C VAL A 16 1.15 -3.59 1.61
N THR A 17 1.76 -2.91 0.66
CA THR A 17 3.23 -3.10 0.44
C THR A 17 4.02 -2.62 1.66
N GLN A 18 3.60 -1.53 2.26
CA GLN A 18 4.32 -1.01 3.47
C GLN A 18 4.22 -2.01 4.62
N LEU A 19 3.07 -2.65 4.75
CA LEU A 19 2.90 -3.67 5.82
C LEU A 19 3.95 -4.77 5.62
N LEU A 20 4.16 -5.18 4.38
CA LEU A 20 5.17 -6.23 4.10
C LEU A 20 6.58 -5.70 4.45
N ARG A 21 6.84 -4.44 4.17
CA ARG A 21 8.18 -3.86 4.50
C ARG A 21 8.42 -3.95 6.02
N ARG A 22 7.43 -3.59 6.80
CA ARG A 22 7.57 -3.65 8.29
C ARG A 22 7.84 -5.09 8.73
N LEU A 23 7.17 -6.05 8.13
CA LEU A 23 7.40 -7.48 8.49
C LEU A 23 8.85 -7.87 8.20
N HIS A 24 9.37 -7.45 7.07
CA HIS A 24 10.80 -7.78 6.72
C HIS A 24 11.74 -7.15 7.74
N GLN A 25 11.45 -5.94 8.17
CA GLN A 25 12.33 -5.26 9.18
C GLN A 25 12.27 -6.01 10.52
N TRP A 26 11.12 -6.53 10.87
CA TRP A 26 10.99 -7.29 12.16
C TRP A 26 11.86 -8.56 12.12
N ILE A 27 11.98 -9.17 10.96
CA ILE A 27 12.81 -10.42 10.84
C ILE A 27 14.29 -10.06 10.77
N SER A 28 14.62 -8.90 10.23
CA SER A 28 16.06 -8.50 10.14
C SER A 28 16.57 -7.97 11.48
N SER A 1 -16.13 10.13 -11.44
CA SER A 1 -15.51 9.49 -10.23
C SER A 1 -14.58 8.35 -10.67
N ASP A 2 -13.56 8.67 -11.43
CA ASP A 2 -12.62 7.60 -11.90
C ASP A 2 -11.17 8.00 -11.63
N ALA A 3 -10.77 9.18 -12.04
CA ALA A 3 -9.37 9.63 -11.79
C ALA A 3 -9.07 9.69 -10.28
N ALA A 4 -9.92 10.34 -9.53
CA ALA A 4 -9.71 10.43 -8.05
C ALA A 4 -9.78 9.05 -7.41
N ALA A 5 -10.68 8.21 -7.87
CA ALA A 5 -10.80 6.83 -7.30
C ALA A 5 -9.50 6.04 -7.55
N ARG A 6 -8.94 6.16 -8.74
CA ARG A 6 -7.67 5.44 -9.04
C ARG A 6 -6.57 5.92 -8.10
N VAL A 7 -6.58 7.19 -7.77
CA VAL A 7 -5.56 7.74 -6.82
C VAL A 7 -5.75 7.06 -5.46
N THR A 8 -6.98 6.84 -5.06
CA THR A 8 -7.24 6.17 -3.75
C THR A 8 -6.79 4.70 -3.83
N ALA A 9 -6.98 4.07 -4.96
CA ALA A 9 -6.55 2.65 -5.11
C ALA A 9 -5.02 2.54 -5.01
N ILE A 10 -4.32 3.47 -5.59
CA ILE A 10 -2.82 3.44 -5.52
C ILE A 10 -2.40 3.47 -4.05
N LEU A 11 -3.07 4.28 -3.25
CA LEU A 11 -2.75 4.36 -1.80
C LEU A 11 -3.10 3.04 -1.11
N SER A 12 -4.21 2.46 -1.48
CA SER A 12 -4.63 1.15 -0.87
C SER A 12 -3.57 0.09 -1.16
N SER A 13 -3.07 0.03 -2.37
CA SER A 13 -2.02 -0.97 -2.71
C SER A 13 -0.78 -0.72 -1.84
N LEU A 14 -0.44 0.53 -1.62
CA LEU A 14 0.74 0.86 -0.77
C LEU A 14 0.50 0.33 0.65
N THR A 15 -0.69 0.50 1.18
CA THR A 15 -1.00 -0.01 2.55
C THR A 15 -0.66 -1.51 2.64
N VAL A 16 -0.99 -2.27 1.62
CA VAL A 16 -0.66 -3.73 1.63
C VAL A 16 0.86 -3.92 1.61
N THR A 17 1.55 -3.18 0.77
CA THR A 17 3.04 -3.29 0.71
C THR A 17 3.65 -2.81 2.02
N GLN A 18 3.11 -1.75 2.59
CA GLN A 18 3.65 -1.22 3.88
C GLN A 18 3.60 -2.31 4.95
N LEU A 19 2.53 -3.07 4.99
CA LEU A 19 2.43 -4.18 5.99
C LEU A 19 3.59 -5.15 5.78
N LEU A 20 3.83 -5.52 4.54
CA LEU A 20 4.97 -6.44 4.23
C LEU A 20 6.30 -5.72 4.53
N ARG A 21 6.37 -4.44 4.22
CA ARG A 21 7.62 -3.66 4.49
C ARG A 21 7.97 -3.74 5.98
N ARG A 22 6.99 -3.64 6.85
CA ARG A 22 7.25 -3.72 8.31
C ARG A 22 7.77 -5.11 8.67
N LEU A 23 7.13 -6.14 8.15
CA LEU A 23 7.58 -7.54 8.43
C LEU A 23 9.04 -7.72 7.99
N HIS A 24 9.38 -7.19 6.84
CA HIS A 24 10.79 -7.31 6.34
C HIS A 24 11.74 -6.55 7.28
N GLN A 25 11.33 -5.39 7.75
CA GLN A 25 12.19 -4.59 8.67
C GLN A 25 12.49 -5.40 9.94
N TRP A 26 11.53 -6.17 10.41
CA TRP A 26 11.76 -6.99 11.63
C TRP A 26 12.72 -8.14 11.33
N ILE A 27 12.70 -8.65 10.12
CA ILE A 27 13.63 -9.77 9.75
C ILE A 27 15.05 -9.23 9.51
N SER A 28 15.19 -8.02 9.04
CA SER A 28 16.54 -7.42 8.78
C SER A 28 17.32 -8.28 7.77
N SER A 1 -14.67 5.57 -16.04
CA SER A 1 -15.62 4.93 -15.08
C SER A 1 -15.35 5.43 -13.65
N ASP A 2 -14.17 5.19 -13.14
CA ASP A 2 -13.83 5.64 -11.76
C ASP A 2 -12.33 6.02 -11.66
N ALA A 3 -11.86 6.82 -12.58
CA ALA A 3 -10.41 7.24 -12.55
C ALA A 3 -10.02 7.79 -11.17
N ALA A 4 -10.85 8.64 -10.60
CA ALA A 4 -10.54 9.21 -9.26
C ALA A 4 -10.49 8.10 -8.20
N ALA A 5 -11.41 7.16 -8.26
CA ALA A 5 -11.41 6.04 -7.27
C ALA A 5 -10.15 5.19 -7.43
N ARG A 6 -9.71 4.98 -8.65
CA ARG A 6 -8.47 4.17 -8.87
C ARG A 6 -7.28 4.89 -8.25
N VAL A 7 -7.27 6.20 -8.32
CA VAL A 7 -6.17 6.99 -7.68
C VAL A 7 -6.19 6.75 -6.17
N THR A 8 -7.38 6.69 -5.59
CA THR A 8 -7.49 6.43 -4.13
C THR A 8 -6.97 5.02 -3.81
N ALA A 9 -7.24 4.09 -4.69
CA ALA A 9 -6.77 2.68 -4.47
C ALA A 9 -5.24 2.64 -4.49
N ILE A 10 -4.63 3.38 -5.37
CA ILE A 10 -3.14 3.41 -5.42
C ILE A 10 -2.60 3.91 -4.07
N LEU A 11 -3.25 4.88 -3.48
CA LEU A 11 -2.81 5.38 -2.15
C LEU A 11 -2.97 4.26 -1.11
N SER A 12 -4.03 3.52 -1.20
CA SER A 12 -4.25 2.39 -0.24
C SER A 12 -3.21 1.29 -0.51
N SER A 13 -2.93 1.02 -1.75
CA SER A 13 -1.92 -0.03 -2.11
C SER A 13 -0.57 0.33 -1.49
N LEU A 14 -0.23 1.60 -1.43
CA LEU A 14 1.06 2.02 -0.83
C LEU A 14 1.13 1.56 0.63
N THR A 15 0.06 1.73 1.37
CA THR A 15 0.04 1.30 2.80
C THR A 15 0.27 -0.22 2.87
N VAL A 16 -0.33 -0.97 1.97
CA VAL A 16 -0.15 -2.45 1.96
C VAL A 16 1.33 -2.79 1.74
N THR A 17 1.98 -2.11 0.83
CA THR A 17 3.43 -2.37 0.56
C THR A 17 4.25 -2.11 1.84
N GLN A 18 3.97 -1.01 2.51
CA GLN A 18 4.72 -0.70 3.78
C GLN A 18 4.53 -1.82 4.78
N LEU A 19 3.33 -2.35 4.86
CA LEU A 19 3.06 -3.49 5.80
C LEU A 19 4.04 -4.63 5.51
N LEU A 20 4.28 -4.91 4.25
CA LEU A 20 5.24 -5.99 3.87
C LEU A 20 6.65 -5.62 4.32
N ARG A 21 7.03 -4.37 4.18
CA ARG A 21 8.40 -3.94 4.60
C ARG A 21 8.61 -4.22 6.09
N ARG A 22 7.66 -3.84 6.91
CA ARG A 22 7.79 -4.10 8.38
C ARG A 22 7.81 -5.61 8.66
N LEU A 23 7.01 -6.36 7.95
CA LEU A 23 6.99 -7.85 8.15
C LEU A 23 8.39 -8.43 7.86
N HIS A 24 9.03 -7.97 6.82
CA HIS A 24 10.39 -8.46 6.48
C HIS A 24 11.39 -8.06 7.58
N GLN A 25 11.24 -6.86 8.11
CA GLN A 25 12.16 -6.40 9.20
C GLN A 25 12.00 -7.31 10.44
N TRP A 26 10.79 -7.72 10.73
CA TRP A 26 10.56 -8.61 11.92
C TRP A 26 11.15 -10.01 11.67
N ILE A 27 11.11 -10.49 10.45
CA ILE A 27 11.67 -11.84 10.14
C ILE A 27 13.18 -11.77 9.93
N SER A 28 13.62 -10.86 9.09
CA SER A 28 15.09 -10.70 8.81
C SER A 28 15.69 -12.01 8.28
N SER A 1 -18.20 4.55 -10.58
CA SER A 1 -16.78 4.43 -11.02
C SER A 1 -15.88 5.39 -10.23
N ASP A 2 -16.13 6.68 -10.35
CA ASP A 2 -15.31 7.70 -9.62
C ASP A 2 -13.81 7.53 -9.90
N ALA A 3 -13.31 8.20 -10.92
CA ALA A 3 -11.86 8.10 -11.27
C ALA A 3 -11.01 8.51 -10.05
N ALA A 4 -11.45 9.49 -9.30
CA ALA A 4 -10.68 9.93 -8.09
C ALA A 4 -10.56 8.76 -7.10
N ALA A 5 -11.59 7.97 -6.94
CA ALA A 5 -11.54 6.81 -6.01
C ALA A 5 -10.47 5.81 -6.49
N ARG A 6 -10.35 5.63 -7.78
CA ARG A 6 -9.31 4.69 -8.30
C ARG A 6 -7.93 5.22 -7.93
N VAL A 7 -7.75 6.51 -7.98
CA VAL A 7 -6.44 7.11 -7.59
C VAL A 7 -6.17 6.79 -6.12
N THR A 8 -7.19 6.85 -5.29
CA THR A 8 -7.00 6.52 -3.84
C THR A 8 -6.68 5.03 -3.69
N ALA A 9 -7.28 4.19 -4.51
CA ALA A 9 -7.01 2.72 -4.42
C ALA A 9 -5.55 2.43 -4.79
N ILE A 10 -5.04 3.12 -5.77
CA ILE A 10 -3.62 2.90 -6.17
C ILE A 10 -2.71 3.22 -4.97
N LEU A 11 -3.03 4.27 -4.25
CA LEU A 11 -2.23 4.63 -3.04
C LEU A 11 -2.38 3.54 -1.98
N SER A 12 -3.57 3.02 -1.83
CA SER A 12 -3.80 1.93 -0.82
C SER A 12 -2.90 0.73 -1.13
N SER A 13 -2.70 0.43 -2.40
CA SER A 13 -1.82 -0.72 -2.78
C SER A 13 -0.39 -0.47 -2.25
N LEU A 14 0.10 0.73 -2.43
CA LEU A 14 1.48 1.05 -1.93
C LEU A 14 1.52 0.92 -0.41
N THR A 15 0.50 1.40 0.27
CA THR A 15 0.45 1.29 1.77
C THR A 15 0.60 -0.19 2.18
N VAL A 16 -0.08 -1.07 1.48
CA VAL A 16 0.03 -2.53 1.82
C VAL A 16 1.47 -3.01 1.62
N THR A 17 2.12 -2.59 0.56
CA THR A 17 3.55 -3.01 0.32
C THR A 17 4.42 -2.52 1.47
N GLN A 18 4.16 -1.32 1.96
CA GLN A 18 4.98 -0.78 3.10
C GLN A 18 4.79 -1.65 4.34
N LEU A 19 3.59 -2.10 4.58
CA LEU A 19 3.33 -2.98 5.76
C LEU A 19 4.18 -4.25 5.64
N LEU A 20 4.27 -4.81 4.46
CA LEU A 20 5.10 -6.04 4.25
C LEU A 20 6.57 -5.72 4.48
N ARG A 21 7.03 -4.57 4.03
CA ARG A 21 8.46 -4.19 4.21
C ARG A 21 8.79 -4.14 5.71
N ARG A 22 7.94 -3.54 6.50
CA ARG A 22 8.18 -3.46 7.97
C ARG A 22 8.08 -4.85 8.60
N LEU A 23 7.09 -5.62 8.19
CA LEU A 23 6.91 -7.00 8.77
C LEU A 23 8.18 -7.83 8.57
N HIS A 24 8.89 -7.64 7.48
CA HIS A 24 10.15 -8.40 7.24
C HIS A 24 11.12 -8.20 8.40
N GLN A 25 11.20 -7.00 8.91
CA GLN A 25 12.11 -6.72 10.07
C GLN A 25 11.60 -7.40 11.34
N TRP A 26 10.30 -7.43 11.53
CA TRP A 26 9.72 -8.09 12.74
C TRP A 26 10.01 -9.59 12.72
N ILE A 27 10.05 -10.19 11.55
CA ILE A 27 10.33 -11.65 11.45
C ILE A 27 11.83 -11.93 11.67
N SER A 28 12.69 -11.04 11.22
CA SER A 28 14.15 -11.24 11.40
C SER A 28 14.57 -10.92 12.84
N SER A 1 -16.38 9.47 -13.29
CA SER A 1 -16.24 8.87 -11.93
C SER A 1 -15.39 7.60 -11.99
N ASP A 2 -14.09 7.75 -12.02
CA ASP A 2 -13.20 6.54 -12.09
C ASP A 2 -11.75 6.93 -11.75
N ALA A 3 -11.21 7.93 -12.41
CA ALA A 3 -9.81 8.36 -12.15
C ALA A 3 -9.61 8.67 -10.65
N ALA A 4 -10.55 9.33 -10.03
CA ALA A 4 -10.41 9.66 -8.58
C ALA A 4 -10.35 8.38 -7.74
N ALA A 5 -11.18 7.42 -8.06
CA ALA A 5 -11.15 6.13 -7.30
C ALA A 5 -9.81 5.42 -7.51
N ARG A 6 -9.27 5.48 -8.71
CA ARG A 6 -7.96 4.82 -8.96
C ARG A 6 -6.88 5.48 -8.10
N VAL A 7 -7.00 6.77 -7.88
CA VAL A 7 -6.02 7.48 -7.01
C VAL A 7 -6.11 6.90 -5.59
N THR A 8 -7.31 6.62 -5.14
CA THR A 8 -7.48 6.02 -3.78
C THR A 8 -6.90 4.61 -3.75
N ALA A 9 -7.06 3.88 -4.83
CA ALA A 9 -6.51 2.49 -4.89
C ALA A 9 -4.98 2.52 -4.85
N ILE A 10 -4.38 3.45 -5.54
CA ILE A 10 -2.89 3.56 -5.53
C ILE A 10 -2.43 3.79 -4.09
N LEU A 11 -3.13 4.62 -3.36
CA LEU A 11 -2.77 4.87 -1.93
C LEU A 11 -3.03 3.60 -1.10
N SER A 12 -4.13 2.95 -1.37
CA SER A 12 -4.47 1.69 -0.63
C SER A 12 -3.41 0.61 -0.91
N SER A 13 -2.97 0.50 -2.14
CA SER A 13 -1.93 -0.53 -2.48
C SER A 13 -0.60 -0.15 -1.81
N LEU A 14 -0.31 1.13 -1.69
CA LEU A 14 0.97 1.57 -1.04
C LEU A 14 0.98 1.14 0.42
N THR A 15 -0.07 1.42 1.16
CA THR A 15 -0.12 1.02 2.60
C THR A 15 0.05 -0.50 2.73
N VAL A 16 -0.54 -1.26 1.84
CA VAL A 16 -0.41 -2.75 1.91
C VAL A 16 1.08 -3.12 1.72
N THR A 17 1.76 -2.47 0.81
CA THR A 17 3.21 -2.76 0.61
C THR A 17 4.01 -2.37 1.86
N GLN A 18 3.66 -1.25 2.47
CA GLN A 18 4.38 -0.80 3.70
C GLN A 18 4.24 -1.85 4.80
N LEU A 19 3.06 -2.37 4.99
CA LEU A 19 2.85 -3.42 6.04
C LEU A 19 3.79 -4.61 5.76
N LEU A 20 3.92 -4.99 4.52
CA LEU A 20 4.83 -6.12 4.15
C LEU A 20 6.29 -5.73 4.44
N ARG A 21 6.65 -4.48 4.16
CA ARG A 21 8.05 -4.04 4.42
C ARG A 21 8.36 -4.13 5.92
N ARG A 22 7.44 -3.73 6.76
CA ARG A 22 7.67 -3.81 8.24
C ARG A 22 7.83 -5.28 8.66
N LEU A 23 7.02 -6.15 8.12
CA LEU A 23 7.13 -7.61 8.47
C LEU A 23 8.50 -8.15 8.04
N HIS A 24 9.01 -7.71 6.91
CA HIS A 24 10.34 -8.19 6.43
C HIS A 24 11.45 -7.70 7.38
N GLN A 25 11.35 -6.49 7.86
CA GLN A 25 12.39 -5.97 8.79
C GLN A 25 12.31 -6.70 10.15
N TRP A 26 11.12 -7.04 10.58
CA TRP A 26 10.97 -7.75 11.88
C TRP A 26 11.49 -9.19 11.78
N ILE A 27 11.45 -9.79 10.61
CA ILE A 27 11.95 -11.19 10.46
C ILE A 27 13.49 -11.24 10.51
N SER A 28 14.14 -10.18 10.08
CA SER A 28 15.65 -10.14 10.11
C SER A 28 16.25 -11.31 9.31
N SER A 1 -15.28 11.32 -11.79
CA SER A 1 -13.84 11.49 -11.40
C SER A 1 -13.08 10.18 -11.59
N ASP A 2 -12.12 10.16 -12.49
CA ASP A 2 -11.34 8.92 -12.73
C ASP A 2 -9.92 9.04 -12.16
N ALA A 3 -9.32 10.21 -12.25
CA ALA A 3 -7.93 10.40 -11.71
C ALA A 3 -7.93 10.27 -10.18
N ALA A 4 -8.82 10.97 -9.50
CA ALA A 4 -8.88 10.89 -8.01
C ALA A 4 -9.18 9.46 -7.57
N ALA A 5 -10.07 8.78 -8.27
CA ALA A 5 -10.41 7.37 -7.89
C ALA A 5 -9.16 6.48 -8.01
N ARG A 6 -8.39 6.64 -9.05
CA ARG A 6 -7.15 5.80 -9.20
C ARG A 6 -6.21 6.09 -8.03
N VAL A 7 -6.17 7.31 -7.58
CA VAL A 7 -5.30 7.67 -6.42
C VAL A 7 -5.77 6.89 -5.19
N THR A 8 -7.08 6.74 -5.03
CA THR A 8 -7.62 5.97 -3.86
C THR A 8 -7.22 4.50 -4.00
N ALA A 9 -7.22 3.99 -5.20
CA ALA A 9 -6.83 2.56 -5.42
C ALA A 9 -5.36 2.35 -5.09
N ILE A 10 -4.53 3.28 -5.50
CA ILE A 10 -3.07 3.17 -5.19
C ILE A 10 -2.88 3.13 -3.67
N LEU A 11 -3.64 3.91 -2.94
CA LEU A 11 -3.53 3.90 -1.46
C LEU A 11 -3.94 2.53 -0.91
N SER A 12 -4.94 1.93 -1.49
CA SER A 12 -5.41 0.58 -1.03
C SER A 12 -4.26 -0.43 -1.16
N SER A 13 -3.58 -0.44 -2.29
CA SER A 13 -2.44 -1.41 -2.47
C SER A 13 -1.23 -0.94 -1.65
N LEU A 14 -1.05 0.36 -1.52
CA LEU A 14 0.12 0.89 -0.74
C LEU A 14 0.09 0.38 0.71
N THR A 15 -1.07 0.35 1.33
CA THR A 15 -1.16 -0.15 2.74
C THR A 15 -0.68 -1.61 2.80
N VAL A 16 -1.06 -2.41 1.84
CA VAL A 16 -0.63 -3.84 1.83
C VAL A 16 0.90 -3.90 1.70
N THR A 17 1.46 -3.07 0.84
CA THR A 17 2.94 -3.06 0.66
C THR A 17 3.63 -2.64 1.98
N GLN A 18 3.06 -1.68 2.66
CA GLN A 18 3.66 -1.22 3.96
C GLN A 18 3.69 -2.38 4.96
N LEU A 19 2.65 -3.17 4.99
CA LEU A 19 2.63 -4.34 5.92
C LEU A 19 3.83 -5.24 5.62
N LEU A 20 4.09 -5.49 4.35
CA LEU A 20 5.27 -6.34 3.97
C LEU A 20 6.56 -5.60 4.33
N ARG A 21 6.62 -4.30 4.10
CA ARG A 21 7.84 -3.51 4.44
C ARG A 21 8.15 -3.63 5.95
N ARG A 22 7.14 -3.53 6.78
CA ARG A 22 7.36 -3.65 8.26
C ARG A 22 7.91 -5.04 8.59
N LEU A 23 7.34 -6.06 7.99
CA LEU A 23 7.83 -7.46 8.24
C LEU A 23 9.31 -7.57 7.85
N HIS A 24 9.69 -6.98 6.75
CA HIS A 24 11.12 -7.03 6.31
C HIS A 24 12.01 -6.33 7.33
N GLN A 25 11.58 -5.19 7.84
CA GLN A 25 12.41 -4.46 8.85
C GLN A 25 12.60 -5.34 10.11
N TRP A 26 11.61 -6.13 10.45
CA TRP A 26 11.74 -7.02 11.65
C TRP A 26 12.76 -8.12 11.37
N ILE A 27 12.86 -8.56 10.14
CA ILE A 27 13.84 -9.63 9.79
C ILE A 27 15.23 -9.01 9.54
N SER A 28 15.28 -7.94 8.78
CA SER A 28 16.60 -7.28 8.50
C SER A 28 16.60 -5.85 9.03
N SER A 1 -18.04 4.93 -6.94
CA SER A 1 -16.68 4.78 -7.55
C SER A 1 -16.43 5.90 -8.57
N ASP A 2 -15.35 6.63 -8.40
CA ASP A 2 -15.05 7.73 -9.36
C ASP A 2 -13.55 7.75 -9.69
N ALA A 3 -13.13 8.66 -10.55
CA ALA A 3 -11.69 8.74 -10.92
C ALA A 3 -10.84 9.02 -9.66
N ALA A 4 -11.29 9.93 -8.83
CA ALA A 4 -10.51 10.25 -7.58
C ALA A 4 -10.42 9.00 -6.69
N ALA A 5 -11.48 8.23 -6.60
CA ALA A 5 -11.44 6.99 -5.76
C ALA A 5 -10.41 6.01 -6.32
N ARG A 6 -10.35 5.88 -7.64
CA ARG A 6 -9.34 4.95 -8.25
C ARG A 6 -7.94 5.41 -7.87
N VAL A 7 -7.74 6.70 -7.81
CA VAL A 7 -6.39 7.23 -7.42
C VAL A 7 -6.09 6.81 -5.98
N THR A 8 -7.09 6.84 -5.12
CA THR A 8 -6.88 6.42 -3.70
C THR A 8 -6.59 4.92 -3.65
N ALA A 9 -7.22 4.15 -4.50
CA ALA A 9 -6.97 2.67 -4.52
C ALA A 9 -5.52 2.38 -4.88
N ILE A 10 -4.99 3.12 -5.83
CA ILE A 10 -3.56 2.92 -6.22
C ILE A 10 -2.67 3.16 -4.99
N LEU A 11 -2.99 4.18 -4.23
CA LEU A 11 -2.19 4.47 -2.99
C LEU A 11 -2.36 3.33 -1.97
N SER A 12 -3.55 2.79 -1.88
CA SER A 12 -3.80 1.66 -0.92
C SER A 12 -2.92 0.45 -1.28
N SER A 13 -2.66 0.25 -2.55
CA SER A 13 -1.80 -0.90 -2.96
C SER A 13 -0.36 -0.64 -2.51
N LEU A 14 0.08 0.59 -2.58
CA LEU A 14 1.48 0.93 -2.14
C LEU A 14 1.64 0.72 -0.64
N THR A 15 0.70 1.22 0.15
CA THR A 15 0.81 1.05 1.63
C THR A 15 0.87 -0.44 1.98
N VAL A 16 0.10 -1.27 1.30
CA VAL A 16 0.14 -2.73 1.58
C VAL A 16 1.56 -3.27 1.36
N THR A 17 2.22 -2.84 0.31
CA THR A 17 3.62 -3.31 0.04
C THR A 17 4.53 -2.85 1.19
N GLN A 18 4.39 -1.63 1.63
CA GLN A 18 5.23 -1.12 2.75
C GLN A 18 4.91 -1.91 4.04
N LEU A 19 3.65 -2.19 4.24
CA LEU A 19 3.25 -2.97 5.46
C LEU A 19 3.98 -4.32 5.47
N LEU A 20 4.15 -4.93 4.31
CA LEU A 20 4.88 -6.22 4.25
C LEU A 20 6.33 -6.00 4.68
N ARG A 21 6.93 -4.91 4.25
CA ARG A 21 8.34 -4.61 4.66
C ARG A 21 8.41 -4.42 6.18
N ARG A 22 7.41 -3.80 6.75
CA ARG A 22 7.41 -3.59 8.24
C ARG A 22 7.44 -4.95 8.95
N LEU A 23 6.59 -5.86 8.55
CA LEU A 23 6.57 -7.22 9.17
C LEU A 23 7.93 -7.90 8.94
N HIS A 24 8.49 -7.73 7.77
CA HIS A 24 9.82 -8.36 7.46
C HIS A 24 10.89 -7.78 8.40
N GLN A 25 10.90 -6.48 8.56
CA GLN A 25 11.92 -5.84 9.45
C GLN A 25 11.77 -6.37 10.88
N TRP A 26 10.56 -6.56 11.34
CA TRP A 26 10.33 -7.10 12.72
C TRP A 26 11.02 -8.46 12.86
N ILE A 27 10.99 -9.26 11.82
CA ILE A 27 11.65 -10.61 11.88
C ILE A 27 13.14 -10.46 11.57
N SER A 28 13.49 -9.72 10.55
CA SER A 28 14.92 -9.53 10.18
C SER A 28 15.13 -8.15 9.52
N SER A 1 -12.32 0.83 -13.60
CA SER A 1 -13.73 1.02 -13.13
C SER A 1 -14.02 2.52 -12.92
N ASP A 2 -13.27 3.18 -12.08
CA ASP A 2 -13.50 4.64 -11.85
C ASP A 2 -12.16 5.37 -11.71
N ALA A 3 -12.06 6.55 -12.28
CA ALA A 3 -10.79 7.33 -12.19
C ALA A 3 -10.52 7.79 -10.75
N ALA A 4 -11.52 8.35 -10.10
CA ALA A 4 -11.32 8.82 -8.69
C ALA A 4 -11.02 7.64 -7.77
N ALA A 5 -11.70 6.54 -7.93
CA ALA A 5 -11.45 5.34 -7.07
C ALA A 5 -10.04 4.79 -7.35
N ARG A 6 -9.61 4.79 -8.58
CA ARG A 6 -8.23 4.28 -8.89
C ARG A 6 -7.20 5.15 -8.17
N VAL A 7 -7.46 6.43 -8.09
CA VAL A 7 -6.52 7.34 -7.37
C VAL A 7 -6.47 6.94 -5.89
N THR A 8 -7.61 6.60 -5.33
CA THR A 8 -7.64 6.17 -3.90
C THR A 8 -6.99 4.79 -3.75
N ALA A 9 -7.17 3.94 -4.72
CA ALA A 9 -6.57 2.57 -4.65
C ALA A 9 -5.04 2.64 -4.70
N ILE A 10 -4.50 3.52 -5.50
CA ILE A 10 -3.01 3.67 -5.58
C ILE A 10 -2.45 3.99 -4.19
N LEU A 11 -3.13 4.85 -3.46
CA LEU A 11 -2.67 5.20 -2.09
C LEU A 11 -2.78 3.98 -1.17
N SER A 12 -3.83 3.21 -1.33
CA SER A 12 -4.02 2.00 -0.48
C SER A 12 -2.91 0.97 -0.72
N SER A 13 -2.59 0.69 -1.96
CA SER A 13 -1.52 -0.31 -2.26
C SER A 13 -0.16 0.19 -1.76
N LEU A 14 0.08 1.49 -1.82
CA LEU A 14 1.38 2.05 -1.34
C LEU A 14 1.55 1.77 0.17
N THR A 15 0.53 2.04 0.95
CA THR A 15 0.62 1.79 2.42
C THR A 15 0.70 0.28 2.71
N VAL A 16 -0.01 -0.53 1.94
CA VAL A 16 0.02 -2.01 2.17
C VAL A 16 1.44 -2.54 1.94
N THR A 17 2.09 -2.14 0.88
CA THR A 17 3.48 -2.62 0.61
C THR A 17 4.44 -2.15 1.72
N GLN A 18 4.30 -0.94 2.17
CA GLN A 18 5.19 -0.42 3.26
C GLN A 18 4.98 -1.25 4.54
N LEU A 19 3.75 -1.60 4.83
CA LEU A 19 3.47 -2.42 6.04
C LEU A 19 4.16 -3.79 5.89
N LEU A 20 4.14 -4.33 4.70
CA LEU A 20 4.80 -5.65 4.45
C LEU A 20 6.32 -5.51 4.63
N ARG A 21 6.90 -4.41 4.18
CA ARG A 21 8.37 -4.23 4.33
C ARG A 21 8.74 -4.24 5.82
N ARG A 22 7.99 -3.54 6.64
CA ARG A 22 8.27 -3.52 8.10
C ARG A 22 8.05 -4.91 8.71
N LEU A 23 7.00 -5.58 8.32
CA LEU A 23 6.72 -6.94 8.87
C LEU A 23 7.76 -7.95 8.35
N HIS A 24 8.20 -7.78 7.12
CA HIS A 24 9.22 -8.73 6.56
C HIS A 24 10.47 -8.77 7.45
N GLN A 25 10.89 -7.63 7.95
CA GLN A 25 12.09 -7.62 8.85
C GLN A 25 11.81 -8.47 10.09
N TRP A 26 10.63 -8.33 10.65
CA TRP A 26 10.26 -9.14 11.85
C TRP A 26 10.05 -10.61 11.45
N ILE A 27 9.60 -10.85 10.23
CA ILE A 27 9.37 -12.25 9.77
C ILE A 27 10.72 -12.92 9.45
N SER A 28 11.53 -12.30 8.63
CA SER A 28 12.86 -12.88 8.26
C SER A 28 12.70 -14.32 7.72
N SER A 1 -16.03 12.74 -8.18
CA SER A 1 -15.10 12.44 -9.31
C SER A 1 -14.95 10.94 -9.48
N ASP A 2 -14.59 10.50 -10.67
CA ASP A 2 -14.42 9.03 -10.91
C ASP A 2 -12.93 8.65 -10.86
N ALA A 3 -12.12 9.29 -11.67
CA ALA A 3 -10.65 8.98 -11.69
C ALA A 3 -10.04 9.18 -10.30
N ALA A 4 -10.54 10.14 -9.55
CA ALA A 4 -9.99 10.41 -8.17
C ALA A 4 -10.09 9.14 -7.31
N ALA A 5 -11.17 8.41 -7.41
CA ALA A 5 -11.32 7.16 -6.60
C ALA A 5 -10.23 6.15 -6.98
N ARG A 6 -9.95 6.01 -8.25
CA ARG A 6 -8.87 5.06 -8.66
C ARG A 6 -7.54 5.50 -8.07
N VAL A 7 -7.32 6.79 -7.97
CA VAL A 7 -6.06 7.30 -7.35
C VAL A 7 -6.02 6.86 -5.88
N THR A 8 -7.15 6.89 -5.21
CA THR A 8 -7.18 6.45 -3.78
C THR A 8 -6.87 4.95 -3.69
N ALA A 9 -7.35 4.18 -4.63
CA ALA A 9 -7.08 2.71 -4.63
C ALA A 9 -5.59 2.46 -4.86
N ILE A 10 -4.98 3.21 -5.73
CA ILE A 10 -3.52 3.03 -5.99
C ILE A 10 -2.75 3.24 -4.68
N LEU A 11 -3.15 4.24 -3.91
CA LEU A 11 -2.48 4.50 -2.61
C LEU A 11 -2.70 3.32 -1.66
N SER A 12 -3.88 2.77 -1.67
CA SER A 12 -4.17 1.59 -0.79
C SER A 12 -3.22 0.44 -1.14
N SER A 13 -2.92 0.26 -2.40
CA SER A 13 -1.97 -0.83 -2.81
C SER A 13 -0.60 -0.57 -2.18
N LEU A 14 -0.17 0.67 -2.18
CA LEU A 14 1.16 1.01 -1.57
C LEU A 14 1.12 0.71 -0.06
N THR A 15 0.01 0.98 0.59
CA THR A 15 -0.10 0.69 2.06
C THR A 15 0.12 -0.81 2.30
N VAL A 16 -0.47 -1.64 1.47
CA VAL A 16 -0.29 -3.12 1.64
C VAL A 16 1.20 -3.47 1.51
N THR A 17 1.89 -2.87 0.57
CA THR A 17 3.35 -3.16 0.41
C THR A 17 4.12 -2.69 1.65
N GLN A 18 3.74 -1.57 2.21
CA GLN A 18 4.44 -1.05 3.43
C GLN A 18 4.31 -2.05 4.58
N LEU A 19 3.14 -2.64 4.73
CA LEU A 19 2.94 -3.65 5.81
C LEU A 19 3.95 -4.79 5.63
N LEU A 20 4.20 -5.18 4.40
CA LEU A 20 5.18 -6.28 4.14
C LEU A 20 6.58 -5.80 4.53
N ARG A 21 6.91 -4.56 4.24
CA ARG A 21 8.27 -4.04 4.61
C ARG A 21 8.45 -4.11 6.13
N ARG A 22 7.45 -3.71 6.88
CA ARG A 22 7.54 -3.78 8.38
C ARG A 22 7.74 -5.23 8.82
N LEU A 23 7.06 -6.17 8.18
CA LEU A 23 7.22 -7.61 8.55
C LEU A 23 8.68 -8.03 8.37
N HIS A 24 9.30 -7.62 7.28
CA HIS A 24 10.73 -7.99 7.06
C HIS A 24 11.63 -7.33 8.11
N GLN A 25 11.33 -6.11 8.48
CA GLN A 25 12.16 -5.41 9.52
C GLN A 25 12.09 -6.16 10.85
N TRP A 26 10.94 -6.73 11.16
CA TRP A 26 10.81 -7.50 12.43
C TRP A 26 11.62 -8.80 12.36
N ILE A 27 11.70 -9.40 11.19
CA ILE A 27 12.47 -10.67 11.04
C ILE A 27 13.98 -10.36 10.95
N SER A 28 14.35 -9.42 10.10
CA SER A 28 15.80 -9.05 9.94
C SER A 28 16.67 -10.28 9.58
N SER A 1 -13.23 7.30 -16.42
CA SER A 1 -14.20 7.74 -15.37
C SER A 1 -13.60 7.51 -13.97
N ASP A 2 -14.31 7.95 -12.94
CA ASP A 2 -13.85 7.77 -11.52
C ASP A 2 -12.31 7.81 -11.40
N ALA A 3 -11.70 8.84 -11.94
CA ALA A 3 -10.20 8.95 -11.85
C ALA A 3 -9.76 9.22 -10.41
N ALA A 4 -10.55 9.93 -9.65
CA ALA A 4 -10.19 10.23 -8.23
C ALA A 4 -10.15 8.94 -7.40
N ALA A 5 -11.15 8.10 -7.54
CA ALA A 5 -11.17 6.81 -6.77
C ALA A 5 -9.97 5.96 -7.17
N ARG A 6 -9.61 5.95 -8.43
CA ARG A 6 -8.42 5.15 -8.87
C ARG A 6 -7.16 5.67 -8.17
N VAL A 7 -7.09 6.96 -7.96
CA VAL A 7 -5.91 7.53 -7.24
C VAL A 7 -5.92 7.00 -5.80
N THR A 8 -7.07 6.91 -5.19
CA THR A 8 -7.15 6.36 -3.79
C THR A 8 -6.77 4.89 -3.79
N ALA A 9 -7.14 4.17 -4.83
CA ALA A 9 -6.80 2.71 -4.90
C ALA A 9 -5.28 2.53 -4.99
N ILE A 10 -4.62 3.39 -5.71
CA ILE A 10 -3.13 3.29 -5.82
C ILE A 10 -2.53 3.45 -4.41
N LEU A 11 -3.07 4.35 -3.63
CA LEU A 11 -2.56 4.55 -2.24
C LEU A 11 -2.87 3.32 -1.39
N SER A 12 -4.04 2.77 -1.56
CA SER A 12 -4.42 1.54 -0.78
C SER A 12 -3.42 0.42 -1.05
N SER A 13 -3.05 0.23 -2.30
CA SER A 13 -2.06 -0.83 -2.64
C SER A 13 -0.73 -0.54 -1.94
N LEU A 14 -0.32 0.71 -1.92
CA LEU A 14 0.97 1.07 -1.24
C LEU A 14 0.89 0.72 0.24
N THR A 15 -0.22 1.01 0.88
CA THR A 15 -0.37 0.67 2.33
C THR A 15 -0.11 -0.84 2.55
N VAL A 16 -0.63 -1.67 1.68
CA VAL A 16 -0.41 -3.14 1.81
C VAL A 16 1.09 -3.46 1.64
N THR A 17 1.73 -2.84 0.67
CA THR A 17 3.19 -3.10 0.46
C THR A 17 3.98 -2.69 1.71
N GLN A 18 3.60 -1.60 2.34
CA GLN A 18 4.32 -1.15 3.57
C GLN A 18 4.19 -2.20 4.66
N LEU A 19 3.03 -2.78 4.80
CA LEU A 19 2.84 -3.85 5.83
C LEU A 19 3.86 -4.98 5.61
N LEU A 20 4.07 -5.34 4.36
CA LEU A 20 5.07 -6.41 4.05
C LEU A 20 6.48 -5.92 4.42
N ARG A 21 6.79 -4.67 4.13
CA ARG A 21 8.15 -4.13 4.47
C ARG A 21 8.36 -4.18 5.99
N ARG A 22 7.38 -3.78 6.75
CA ARG A 22 7.52 -3.81 8.25
C ARG A 22 7.78 -5.26 8.71
N LEU A 23 7.12 -6.22 8.11
CA LEU A 23 7.33 -7.64 8.51
C LEU A 23 8.81 -8.02 8.27
N HIS A 24 9.36 -7.60 7.16
CA HIS A 24 10.80 -7.90 6.87
C HIS A 24 11.69 -7.17 7.89
N GLN A 25 11.34 -5.95 8.22
CA GLN A 25 12.14 -5.17 9.22
C GLN A 25 12.11 -5.89 10.59
N TRP A 26 11.02 -6.55 10.90
CA TRP A 26 10.93 -7.29 12.21
C TRP A 26 11.85 -8.52 12.19
N ILE A 27 12.03 -9.12 11.04
CA ILE A 27 12.93 -10.32 10.95
C ILE A 27 14.40 -9.89 10.85
N SER A 28 14.70 -8.92 10.02
CA SER A 28 16.12 -8.45 9.87
C SER A 28 17.04 -9.62 9.47
N SER A 1 -15.35 6.58 -15.90
CA SER A 1 -14.30 7.63 -15.72
C SER A 1 -14.10 7.93 -14.23
N ASP A 2 -13.33 7.11 -13.55
CA ASP A 2 -13.09 7.34 -12.10
C ASP A 2 -11.61 7.59 -11.83
N ALA A 3 -11.09 8.67 -12.36
CA ALA A 3 -9.63 8.99 -12.14
C ALA A 3 -9.36 9.20 -10.64
N ALA A 4 -10.23 9.90 -9.95
CA ALA A 4 -10.04 10.13 -8.48
C ALA A 4 -10.05 8.79 -7.73
N ALA A 5 -10.91 7.89 -8.12
CA ALA A 5 -10.96 6.56 -7.44
C ALA A 5 -9.65 5.80 -7.67
N ARG A 6 -9.11 5.86 -8.87
CA ARG A 6 -7.82 5.17 -9.15
C ARG A 6 -6.73 5.74 -8.24
N VAL A 7 -6.78 7.02 -7.99
CA VAL A 7 -5.77 7.65 -7.08
C VAL A 7 -5.93 7.06 -5.69
N THR A 8 -7.15 6.83 -5.25
CA THR A 8 -7.37 6.24 -3.90
C THR A 8 -6.89 4.77 -3.90
N ALA A 9 -7.07 4.09 -5.00
CA ALA A 9 -6.62 2.66 -5.08
C ALA A 9 -5.10 2.58 -4.99
N ILE A 10 -4.42 3.51 -5.60
CA ILE A 10 -2.92 3.52 -5.53
C ILE A 10 -2.49 3.64 -4.07
N LEU A 11 -3.17 4.47 -3.32
CA LEU A 11 -2.85 4.65 -1.87
C LEU A 11 -3.18 3.36 -1.11
N SER A 12 -4.28 2.73 -1.44
CA SER A 12 -4.68 1.47 -0.76
C SER A 12 -3.61 0.38 -0.96
N SER A 13 -3.12 0.22 -2.16
CA SER A 13 -2.06 -0.80 -2.41
C SER A 13 -0.78 -0.43 -1.64
N LEU A 14 -0.49 0.84 -1.51
CA LEU A 14 0.72 1.28 -0.77
C LEU A 14 0.61 0.82 0.70
N THR A 15 -0.55 0.96 1.28
CA THR A 15 -0.74 0.52 2.71
C THR A 15 -0.41 -0.97 2.83
N VAL A 16 -0.83 -1.77 1.88
CA VAL A 16 -0.53 -3.23 1.92
C VAL A 16 0.99 -3.45 1.79
N THR A 17 1.63 -2.73 0.89
CA THR A 17 3.11 -2.88 0.72
C THR A 17 3.82 -2.51 2.03
N GLN A 18 3.36 -1.49 2.72
CA GLN A 18 4.01 -1.09 4.01
C GLN A 18 3.89 -2.23 5.01
N LEU A 19 2.76 -2.90 5.04
CA LEU A 19 2.59 -4.04 5.99
C LEU A 19 3.66 -5.09 5.70
N LEU A 20 3.88 -5.40 4.45
CA LEU A 20 4.93 -6.39 4.08
C LEU A 20 6.32 -5.84 4.45
N ARG A 21 6.54 -4.56 4.21
CA ARG A 21 7.86 -3.96 4.54
C ARG A 21 8.14 -4.08 6.05
N ARG A 22 7.11 -3.91 6.87
CA ARG A 22 7.30 -4.05 8.34
C ARG A 22 7.78 -5.46 8.68
N LEU A 23 7.18 -6.45 8.05
CA LEU A 23 7.61 -7.86 8.30
C LEU A 23 9.09 -8.03 7.91
N HIS A 24 9.49 -7.44 6.81
CA HIS A 24 10.93 -7.54 6.38
C HIS A 24 11.83 -6.86 7.41
N GLN A 25 11.43 -5.72 7.91
CA GLN A 25 12.26 -5.01 8.94
C GLN A 25 12.47 -5.91 10.16
N TRP A 26 11.45 -6.66 10.54
CA TRP A 26 11.58 -7.58 11.71
C TRP A 26 12.65 -8.64 11.42
N ILE A 27 12.77 -9.06 10.18
CA ILE A 27 13.80 -10.08 9.82
C ILE A 27 15.14 -9.39 9.58
N SER A 28 15.14 -8.27 8.91
CA SER A 28 16.40 -7.52 8.63
C SER A 28 16.13 -6.02 8.56
#